data_3MCA
#
_entry.id   3MCA
#
_cell.length_a   76.741
_cell.length_b   113.423
_cell.length_c   124.742
_cell.angle_alpha   90.000
_cell.angle_beta   90.000
_cell.angle_gamma   90.000
#
_symmetry.space_group_name_H-M   'P 21 21 21'
#
loop_
_entity.id
_entity.type
_entity.pdbx_description
1 polymer 'Elongation factor 1 alpha-like protein'
2 polymer 'Protein dom34'
3 water water
#
loop_
_entity_poly.entity_id
_entity_poly.type
_entity_poly.pdbx_seq_one_letter_code
_entity_poly.pdbx_strand_id
1 'polypeptide(L)'
;MSRHRDVKNLDLDDYELDEEPGEEELTEEQEEEFRSAVATVRETLLGVPISEKEIADTVWYYYFDVEKSVNYLLQKASSK
AGAKEKQNTDSQKEKKQNKSKEALADAKDPLDESSNGIKNLSLNKNDEPAFQTNGEVKMKNSSESDNQPEKKKIKKQNPT
DLVSVPEIFEQSNPKPVVHLVVTGHVDSGKSTMLGRIMFELGEINSRSMQKLHNEAANSGKGSFSYAWLLDTTEEERARG
VTMDVASTTFESDKKIYEIGDAPGHRDFISGMIAGASSADFAVLVVDSSQNNFERGFLENGQTREHAYLLRALGISEIVV
SVNKLDLMSWSEDRFQEIKNIVSDFLIKMVGFKTSNVHFVPISAISGTNLIQKDSSDLYKWYKGPTLLSALDQLVPPEKP
YRKPLRLSIDDVYRSPRSVTVTGRVEAGNVQVNQVLYDVSSQEDAYVKNVIRNSDPSSTWAVAGDTVTLQLADIEVNQLR
PGDILSNYENPVRRVRSFVAEIQTFDIHGPILSGSTLVLHLGRTVTSVSLKIVTVNNKRSRHIASRKRALVRISFLDGLF
PLCLAEECPALGRFILRRSGDTVAAGIVKELC
;
A
2 'polypeptide(L)'
;MKLIQKNIEKNGSGWITMCPEEPEDMWHLYNILQVGDQLKASTVRRVVKVGATGSTSGSRVVMKLRILVENMDFDTKAAQ
LHIKGRTTEYHPEVKMGSYHTLDLELHRNFTLYKNEWDAFALDRVDAACNPSRNAEIGAVVLDEGLANICLITDYMTILR
QRIDQVIPRKRRGDSSAYQKGLDKFYDSVFQSINSEFDFDKLKVVILASPGFVARGLYDYIFSMAVKLDLKQIVKSKNKF
VILHSSTGHIHSLNEILKDPAVESKLADTKYVQEIRVLNKFYDVMNEDDRKAWYGPNHVLKAFELGAIGELLISDSLFRS
SDIATRKKWVSLVEGVKEINCPVYIFSSLHESGKQLDLLSGIAAILTYPVDEEDISEDEEDEESQNFEHS
;
B
#
# COMPACT_ATOMS: atom_id res chain seq x y z
N LYS A 155 16.19 -9.53 26.33
CA LYS A 155 16.23 -10.92 26.90
C LYS A 155 16.72 -11.98 25.90
N LYS A 156 16.62 -11.69 24.59
CA LYS A 156 17.09 -12.59 23.52
C LYS A 156 18.60 -12.63 23.38
N GLN A 157 19.10 -13.76 22.89
CA GLN A 157 20.53 -13.99 22.69
C GLN A 157 20.82 -14.50 21.28
N ASN A 158 21.70 -13.78 20.59
CA ASN A 158 22.10 -14.07 19.22
C ASN A 158 22.95 -15.36 19.15
N PRO A 159 23.02 -15.99 17.95
CA PRO A 159 23.60 -17.32 17.64
C PRO A 159 24.93 -17.76 18.33
N THR A 160 26.11 -17.65 17.71
CA THR A 160 26.38 -16.95 16.45
C THR A 160 26.71 -17.91 15.28
N ASP A 161 27.50 -17.47 14.31
CA ASP A 161 27.93 -18.29 13.17
C ASP A 161 28.92 -19.41 13.52
N LEU A 162 28.95 -20.44 12.67
CA LEU A 162 29.92 -21.54 12.73
C LEU A 162 31.33 -21.12 12.27
N VAL A 163 32.15 -22.08 11.82
CA VAL A 163 33.37 -21.79 11.02
C VAL A 163 33.33 -22.59 9.69
N SER A 164 32.70 -21.98 8.68
CA SER A 164 32.35 -22.65 7.42
C SER A 164 33.04 -22.05 6.17
N VAL A 165 32.39 -22.21 5.01
CA VAL A 165 32.99 -21.92 3.69
C VAL A 165 32.74 -20.49 3.17
N PRO A 166 33.48 -20.05 2.13
CA PRO A 166 33.06 -18.86 1.40
C PRO A 166 32.47 -19.19 0.04
N GLU A 167 31.35 -18.53 -0.27
CA GLU A 167 30.69 -18.56 -1.58
C GLU A 167 31.64 -18.84 -2.75
N ILE A 168 31.84 -20.12 -3.04
CA ILE A 168 32.89 -20.55 -3.99
C ILE A 168 32.36 -20.75 -5.42
N PHE A 169 31.48 -19.81 -5.78
CA PHE A 169 30.87 -19.72 -7.09
C PHE A 169 31.92 -19.55 -8.18
N GLU A 170 32.84 -18.61 -7.94
CA GLU A 170 33.89 -18.24 -8.87
C GLU A 170 34.78 -19.39 -9.37
N GLN A 171 34.99 -20.41 -8.54
CA GLN A 171 35.69 -21.65 -8.92
C GLN A 171 35.27 -22.14 -10.31
N SER A 172 33.97 -22.28 -10.53
CA SER A 172 33.45 -22.70 -11.84
C SER A 172 33.03 -21.48 -12.65
N ASN A 173 33.97 -20.94 -13.42
CA ASN A 173 33.85 -19.63 -14.08
C ASN A 173 32.49 -19.25 -14.60
N PRO A 174 31.73 -18.49 -13.81
CA PRO A 174 30.34 -18.15 -14.11
C PRO A 174 30.22 -16.85 -14.87
N LYS A 175 29.20 -16.73 -15.70
CA LYS A 175 28.97 -15.48 -16.40
C LYS A 175 27.86 -14.70 -15.74
N PRO A 176 27.96 -13.36 -15.77
CA PRO A 176 26.88 -12.59 -15.18
C PRO A 176 25.58 -12.94 -15.86
N VAL A 177 24.54 -13.06 -15.04
CA VAL A 177 23.21 -13.41 -15.49
C VAL A 177 22.47 -12.08 -15.62
N VAL A 178 22.24 -11.62 -16.84
CA VAL A 178 21.47 -10.39 -17.03
C VAL A 178 19.96 -10.63 -17.23
N HIS A 179 19.16 -9.77 -16.62
CA HIS A 179 17.70 -9.89 -16.59
C HIS A 179 17.02 -8.92 -17.55
N LEU A 180 16.14 -9.48 -18.37
CA LEU A 180 15.47 -8.73 -19.43
C LEU A 180 13.99 -8.88 -19.26
N VAL A 181 13.23 -7.93 -19.80
CA VAL A 181 11.82 -8.17 -20.09
C VAL A 181 11.72 -7.80 -21.53
N VAL A 182 10.98 -8.60 -22.29
CA VAL A 182 10.84 -8.37 -23.71
C VAL A 182 9.40 -8.02 -24.01
N THR A 183 9.18 -6.84 -24.57
CA THR A 183 7.84 -6.35 -24.85
C THR A 183 7.65 -6.20 -26.35
N GLY A 184 6.41 -5.89 -26.75
CA GLY A 184 6.06 -5.70 -28.16
C GLY A 184 4.72 -6.29 -28.52
N HIS A 185 4.12 -5.78 -29.60
CA HIS A 185 2.85 -6.30 -30.12
C HIS A 185 2.98 -7.80 -30.43
N VAL A 186 1.86 -8.49 -30.63
CA VAL A 186 1.92 -9.90 -31.03
C VAL A 186 2.51 -10.01 -32.43
N ASP A 187 2.38 -8.96 -33.22
CA ASP A 187 2.74 -8.99 -34.65
C ASP A 187 4.12 -8.42 -34.97
N SER A 188 4.74 -7.75 -34.00
CA SER A 188 6.19 -7.63 -34.00
C SER A 188 6.66 -9.06 -33.94
N GLY A 189 7.78 -9.39 -34.54
CA GLY A 189 8.20 -10.79 -34.46
C GLY A 189 8.75 -11.20 -33.11
N LYS A 190 8.27 -10.58 -32.03
CA LYS A 190 8.85 -10.76 -30.69
C LYS A 190 9.10 -12.24 -30.39
N SER A 191 8.04 -13.03 -30.61
CA SER A 191 8.07 -14.47 -30.43
C SER A 191 9.03 -15.20 -31.38
N THR A 192 9.08 -14.81 -32.66
CA THR A 192 10.03 -15.39 -33.61
C THR A 192 11.47 -15.02 -33.25
N MET A 193 11.71 -13.76 -32.90
CA MET A 193 13.02 -13.30 -32.47
C MET A 193 13.61 -14.19 -31.37
N LEU A 194 12.84 -14.46 -30.32
CA LEU A 194 13.37 -15.28 -29.22
C LEU A 194 13.65 -16.69 -29.71
N GLY A 195 12.66 -17.28 -30.40
CA GLY A 195 12.78 -18.62 -30.96
C GLY A 195 13.97 -18.77 -31.88
N ARG A 196 14.25 -17.74 -32.67
CA ARG A 196 15.34 -17.78 -33.62
C ARG A 196 16.69 -17.65 -32.91
N ILE A 197 16.68 -16.92 -31.80
CA ILE A 197 17.86 -16.86 -30.96
C ILE A 197 18.11 -18.24 -30.34
N MET A 198 17.07 -18.87 -29.76
CA MET A 198 17.22 -20.23 -29.23
C MET A 198 17.78 -21.13 -30.31
N PHE A 199 17.15 -21.09 -31.48
CA PHE A 199 17.48 -21.98 -32.59
C PHE A 199 18.93 -21.84 -33.06
N GLU A 200 19.40 -20.61 -33.27
CA GLU A 200 20.75 -20.39 -33.80
C GLU A 200 21.80 -20.69 -32.75
N LEU A 201 21.54 -20.32 -31.50
CA LEU A 201 22.40 -20.72 -30.41
C LEU A 201 22.28 -22.23 -30.26
N GLY A 202 21.24 -22.80 -30.85
CA GLY A 202 21.04 -24.25 -30.89
C GLY A 202 22.10 -24.93 -31.74
N GLU A 203 22.49 -24.30 -32.84
CA GLU A 203 23.74 -24.63 -33.52
C GLU A 203 24.86 -24.13 -32.61
N ILE A 204 26.09 -24.59 -32.82
CA ILE A 204 27.22 -24.26 -31.93
C ILE A 204 27.20 -25.18 -30.72
N ILE A 259 12.34 -20.81 -18.58
CA ILE A 259 11.45 -19.67 -18.82
C ILE A 259 11.89 -18.89 -20.08
N GLY A 260 12.84 -19.48 -20.82
CA GLY A 260 13.52 -18.78 -21.91
C GLY A 260 14.90 -18.33 -21.46
N ASP A 261 15.92 -19.04 -21.93
CA ASP A 261 17.31 -18.75 -21.56
C ASP A 261 18.24 -18.82 -22.73
N ALA A 262 18.95 -17.72 -22.96
CA ALA A 262 19.96 -17.64 -23.99
C ALA A 262 21.28 -17.31 -23.31
N PRO A 263 22.36 -18.01 -23.68
CA PRO A 263 23.70 -17.55 -23.35
C PRO A 263 24.47 -17.12 -24.58
N GLY A 264 25.36 -16.13 -24.40
CA GLY A 264 26.39 -15.80 -25.36
C GLY A 264 27.70 -16.02 -24.61
N HIS A 265 28.36 -14.93 -24.23
CA HIS A 265 29.39 -15.00 -23.18
C HIS A 265 28.93 -14.14 -21.96
N ARG A 266 27.67 -13.73 -22.03
CA ARG A 266 26.84 -13.42 -20.88
C ARG A 266 25.64 -14.34 -20.98
N ASP A 267 24.82 -14.32 -19.95
CA ASP A 267 23.72 -15.23 -19.84
C ASP A 267 22.45 -14.41 -19.65
N PHE A 268 21.52 -14.60 -20.58
CA PHE A 268 20.33 -13.78 -20.61
C PHE A 268 19.12 -14.60 -20.18
N ILE A 269 18.67 -14.32 -18.96
CA ILE A 269 17.40 -14.83 -18.47
C ILE A 269 16.37 -13.76 -18.83
N SER A 270 15.49 -14.06 -19.77
CA SER A 270 14.45 -13.11 -20.15
C SER A 270 13.16 -13.50 -19.44
N GLY A 271 12.39 -12.49 -19.07
CA GLY A 271 11.18 -12.71 -18.30
C GLY A 271 10.04 -11.76 -18.63
N MET A 272 9.03 -11.76 -17.76
CA MET A 272 7.80 -11.06 -18.04
C MET A 272 7.40 -10.10 -16.96
N ILE A 273 6.65 -9.10 -17.38
CA ILE A 273 6.27 -7.98 -16.53
C ILE A 273 5.03 -7.30 -17.15
N ALA A 274 3.88 -7.57 -16.55
CA ALA A 274 2.62 -6.97 -16.95
C ALA A 274 1.76 -6.85 -15.70
N ALA A 282 11.09 -7.04 -11.74
CA ALA A 282 12.47 -6.89 -11.27
C ALA A 282 13.52 -7.69 -12.10
N VAL A 283 14.40 -6.91 -12.73
CA VAL A 283 14.97 -7.12 -14.05
C VAL A 283 15.89 -5.93 -14.38
N LEU A 284 16.85 -6.11 -15.29
CA LEU A 284 17.90 -5.10 -15.45
C LEU A 284 17.73 -4.16 -16.64
N VAL A 285 17.49 -4.71 -17.81
CA VAL A 285 17.32 -3.87 -18.98
C VAL A 285 16.08 -4.37 -19.74
N VAL A 286 15.78 -3.79 -20.88
CA VAL A 286 14.61 -4.23 -21.62
C VAL A 286 14.79 -4.07 -23.11
N ASP A 287 13.94 -4.74 -23.89
CA ASP A 287 13.78 -4.33 -25.29
C ASP A 287 12.36 -4.39 -25.79
N SER A 288 12.03 -3.36 -26.56
CA SER A 288 10.79 -3.30 -27.27
C SER A 288 11.17 -3.79 -28.64
N SER A 289 10.31 -4.59 -29.24
CA SER A 289 10.48 -4.84 -30.65
C SER A 289 9.21 -4.46 -31.36
N GLN A 290 9.35 -4.02 -32.61
CA GLN A 290 8.19 -3.77 -33.47
C GLN A 290 8.55 -3.92 -34.95
N ASN A 291 7.56 -3.64 -35.79
CA ASN A 291 7.43 -4.20 -37.12
C ASN A 291 7.24 -3.13 -38.19
N ASN A 292 7.38 -3.52 -39.46
CA ASN A 292 7.26 -2.59 -40.58
C ASN A 292 6.03 -2.82 -41.49
N PHE A 293 5.01 -2.02 -41.23
CA PHE A 293 3.69 -2.05 -41.89
C PHE A 293 3.28 -0.58 -42.12
N GLU A 294 2.00 -0.30 -42.37
CA GLU A 294 1.52 1.10 -42.57
C GLU A 294 1.40 1.91 -41.26
N ARG A 295 2.55 2.41 -40.82
CA ARG A 295 2.89 2.62 -39.40
C ARG A 295 2.12 3.66 -38.57
N GLY A 296 1.22 4.43 -39.18
CA GLY A 296 0.49 5.49 -38.46
C GLY A 296 -0.12 5.08 -37.13
N PHE A 297 -1.18 4.27 -37.21
CA PHE A 297 -2.04 3.87 -36.08
C PHE A 297 -1.33 3.19 -34.89
N LEU A 298 -0.77 1.99 -35.12
CA LEU A 298 0.22 1.41 -34.20
C LEU A 298 1.53 1.97 -34.76
N GLU A 299 2.39 2.60 -33.97
CA GLU A 299 2.46 2.61 -32.52
C GLU A 299 1.24 3.08 -31.72
N ASN A 300 0.34 2.13 -31.39
CA ASN A 300 -0.74 2.31 -30.43
C ASN A 300 -1.41 1.03 -29.93
N GLY A 301 -0.63 0.26 -29.15
CA GLY A 301 -1.15 -0.86 -28.39
C GLY A 301 -1.17 -0.56 -26.91
N GLN A 302 -0.70 -1.53 -26.12
CA GLN A 302 -0.48 -1.36 -24.69
C GLN A 302 0.93 -1.86 -24.39
N THR A 303 1.73 -1.90 -25.44
CA THR A 303 3.18 -1.93 -25.35
C THR A 303 3.63 -0.53 -24.93
N ARG A 304 2.76 0.45 -25.14
CA ARG A 304 3.02 1.83 -24.75
C ARG A 304 3.02 1.90 -23.24
N GLU A 305 2.01 1.31 -22.61
CA GLU A 305 1.97 1.26 -21.15
C GLU A 305 3.12 0.44 -20.55
N HIS A 306 3.55 -0.60 -21.25
CA HIS A 306 4.70 -1.37 -20.80
C HIS A 306 5.91 -0.46 -20.68
N ALA A 307 6.12 0.38 -21.70
CA ALA A 307 7.23 1.33 -21.72
C ALA A 307 7.18 2.27 -20.54
N TYR A 308 5.97 2.75 -20.24
CA TYR A 308 5.76 3.64 -19.10
C TYR A 308 6.08 2.96 -17.78
N LEU A 309 5.65 1.71 -17.64
CA LEU A 309 5.82 0.96 -16.42
C LEU A 309 7.30 0.75 -16.14
N LEU A 310 8.05 0.38 -17.17
CA LEU A 310 9.46 0.08 -17.03
C LEU A 310 10.26 1.32 -16.61
N ARG A 311 9.87 2.49 -17.11
CA ARG A 311 10.47 3.74 -16.67
C ARG A 311 10.12 3.98 -15.20
N ALA A 312 8.83 3.97 -14.89
CA ALA A 312 8.35 4.18 -13.54
C ALA A 312 9.13 3.32 -12.54
N LEU A 313 9.45 2.10 -12.93
CA LEU A 313 10.27 1.22 -12.12
C LEU A 313 11.75 1.61 -12.33
N GLY A 314 12.69 0.74 -12.02
CA GLY A 314 14.10 1.13 -12.24
C GLY A 314 14.45 1.55 -13.68
N ILE A 315 14.08 0.69 -14.63
CA ILE A 315 14.75 0.56 -15.93
C ILE A 315 15.16 1.84 -16.70
N SER A 316 16.44 1.93 -17.03
CA SER A 316 16.95 3.05 -17.82
C SER A 316 17.40 2.70 -19.25
N GLU A 317 17.76 1.45 -19.50
CA GLU A 317 18.31 1.08 -20.80
C GLU A 317 17.40 0.13 -21.57
N ILE A 318 16.97 0.58 -22.76
CA ILE A 318 16.20 -0.24 -23.69
C ILE A 318 17.05 -0.56 -24.92
N VAL A 319 16.82 -1.72 -25.51
CA VAL A 319 17.23 -1.99 -26.87
C VAL A 319 15.97 -2.11 -27.72
N VAL A 320 15.94 -1.46 -28.87
CA VAL A 320 14.76 -1.52 -29.72
C VAL A 320 15.03 -2.37 -30.97
N SER A 321 14.53 -3.59 -30.97
CA SER A 321 14.62 -4.44 -32.14
C SER A 321 13.67 -3.95 -33.19
N VAL A 322 14.23 -3.50 -34.29
CA VAL A 322 13.47 -3.04 -35.43
C VAL A 322 13.37 -4.23 -36.37
N ASN A 323 12.21 -4.86 -36.36
CA ASN A 323 12.05 -6.14 -37.00
C ASN A 323 11.41 -6.03 -38.37
N LYS A 324 11.81 -6.98 -39.23
CA LYS A 324 11.18 -7.23 -40.52
C LYS A 324 11.53 -6.17 -41.56
N LEU A 325 12.75 -5.63 -41.46
CA LEU A 325 13.25 -4.69 -42.47
C LEU A 325 13.50 -5.34 -43.82
N ASP A 326 13.79 -6.64 -43.82
CA ASP A 326 13.91 -7.37 -45.08
C ASP A 326 12.65 -7.21 -45.92
N LEU A 327 11.51 -7.12 -45.26
CA LEU A 327 10.23 -6.92 -45.94
C LEU A 327 10.08 -5.54 -46.58
N MET A 328 10.82 -4.56 -46.05
CA MET A 328 10.89 -3.23 -46.65
C MET A 328 12.28 -3.06 -47.28
N SER A 329 12.75 -4.16 -47.88
CA SER A 329 14.02 -4.26 -48.61
C SER A 329 15.20 -3.57 -47.95
N TRP A 330 15.37 -3.87 -46.66
CA TRP A 330 16.40 -3.28 -45.80
C TRP A 330 16.61 -1.78 -46.01
N SER A 331 15.55 -1.02 -46.28
CA SER A 331 15.69 0.43 -46.54
C SER A 331 16.03 1.25 -45.30
N GLU A 332 17.16 1.95 -45.39
CA GLU A 332 17.69 2.75 -44.31
C GLU A 332 16.76 3.91 -43.94
N ASP A 333 16.06 4.46 -44.94
CA ASP A 333 15.10 5.53 -44.69
C ASP A 333 13.93 5.05 -43.84
N ARG A 334 13.53 3.79 -44.03
CA ARG A 334 12.50 3.18 -43.21
C ARG A 334 12.97 2.98 -41.76
N PHE A 335 14.20 2.50 -41.59
CA PHE A 335 14.80 2.35 -40.27
C PHE A 335 14.89 3.69 -39.53
N GLN A 336 15.28 4.75 -40.24
CA GLN A 336 15.35 6.08 -39.64
C GLN A 336 13.97 6.64 -39.34
N GLU A 337 13.03 6.44 -40.27
CA GLU A 337 11.66 6.86 -40.04
C GLU A 337 11.14 6.29 -38.73
N ILE A 338 11.28 5.00 -38.55
CA ILE A 338 10.71 4.34 -37.37
C ILE A 338 11.52 4.62 -36.10
N LYS A 339 12.84 4.71 -36.22
CA LYS A 339 13.67 5.20 -35.13
C LYS A 339 13.14 6.53 -34.57
N ASN A 340 12.71 7.44 -35.44
CA ASN A 340 12.10 8.69 -35.00
C ASN A 340 10.79 8.49 -34.25
N ILE A 341 9.76 7.96 -34.93
CA ILE A 341 8.46 7.71 -34.30
C ILE A 341 8.63 7.06 -32.92
N VAL A 342 9.54 6.09 -32.82
CA VAL A 342 9.80 5.40 -31.55
C VAL A 342 10.61 6.27 -30.57
N SER A 343 11.61 6.99 -31.06
CA SER A 343 12.41 7.89 -30.22
C SER A 343 11.58 9.01 -29.62
N ASP A 344 10.58 9.48 -30.35
CA ASP A 344 9.73 10.56 -29.86
C ASP A 344 8.79 10.09 -28.75
N PHE A 345 8.47 8.80 -28.73
CA PHE A 345 7.66 8.29 -27.68
C PHE A 345 8.50 7.88 -26.47
N LEU A 346 9.60 7.18 -26.73
CA LEU A 346 10.45 6.69 -25.66
C LEU A 346 11.24 7.81 -25.02
N ILE A 347 11.57 8.83 -25.80
CA ILE A 347 12.38 9.93 -25.30
C ILE A 347 11.55 11.19 -24.96
N LYS A 348 10.91 11.79 -25.96
CA LYS A 348 10.12 13.00 -25.70
C LYS A 348 9.01 12.80 -24.66
N MET A 349 8.20 11.77 -24.85
CA MET A 349 6.97 11.55 -24.09
C MET A 349 7.17 10.75 -22.82
N VAL A 350 8.15 9.85 -22.84
CA VAL A 350 8.54 9.11 -21.66
C VAL A 350 10.01 9.47 -21.34
N GLY A 351 10.44 9.30 -20.09
CA GLY A 351 11.69 9.91 -19.66
C GLY A 351 13.05 9.35 -20.06
N PHE A 352 13.11 8.49 -21.07
CA PHE A 352 14.36 7.83 -21.41
C PHE A 352 15.35 8.80 -22.04
N LYS A 353 16.62 8.66 -21.68
CA LYS A 353 17.71 9.40 -22.30
C LYS A 353 17.99 8.87 -23.69
N THR A 354 18.38 9.74 -24.63
CA THR A 354 18.69 9.29 -26.01
C THR A 354 19.80 8.25 -26.02
N SER A 355 20.78 8.43 -25.14
CA SER A 355 21.96 7.56 -25.08
C SER A 355 21.74 6.23 -24.33
N ASN A 356 20.54 6.02 -23.80
CA ASN A 356 20.16 4.73 -23.21
C ASN A 356 19.13 3.95 -24.02
N VAL A 357 18.80 4.46 -25.20
CA VAL A 357 17.89 3.81 -26.14
C VAL A 357 18.65 3.42 -27.41
N HIS A 358 18.98 2.14 -27.54
CA HIS A 358 19.80 1.64 -28.63
C HIS A 358 18.91 0.99 -29.69
N PHE A 359 19.17 1.25 -30.97
CA PHE A 359 18.34 0.68 -32.03
C PHE A 359 19.11 -0.37 -32.84
N VAL A 360 18.44 -1.48 -33.12
CA VAL A 360 19.09 -2.61 -33.80
C VAL A 360 18.14 -3.15 -34.85
N PRO A 361 18.52 -3.07 -36.15
CA PRO A 361 17.70 -3.65 -37.23
C PRO A 361 17.78 -5.17 -37.14
N ILE A 362 16.77 -5.87 -37.64
CA ILE A 362 16.65 -7.31 -37.41
C ILE A 362 15.73 -8.01 -38.38
N SER A 363 15.96 -9.29 -38.57
CA SER A 363 14.93 -10.14 -39.13
C SER A 363 14.84 -11.41 -38.29
N ALA A 364 13.79 -11.48 -37.48
CA ALA A 364 13.53 -12.68 -36.66
C ALA A 364 13.62 -14.00 -37.43
N ILE A 365 13.12 -14.06 -38.66
CA ILE A 365 13.35 -15.19 -39.59
C ILE A 365 14.83 -15.16 -40.11
N SER A 366 15.78 -15.27 -39.15
CA SER A 366 17.24 -15.02 -39.30
C SER A 366 17.58 -13.60 -39.75
N GLY A 367 18.39 -12.88 -38.96
CA GLY A 367 18.61 -11.44 -39.18
C GLY A 367 19.99 -10.88 -38.90
N THR A 368 20.07 -9.84 -38.08
CA THR A 368 21.35 -9.39 -37.51
C THR A 368 21.30 -9.59 -36.00
N ASN A 369 20.89 -10.78 -35.57
CA ASN A 369 20.76 -10.99 -34.14
C ASN A 369 21.93 -11.71 -33.45
N LEU A 370 22.74 -12.39 -34.24
CA LEU A 370 23.74 -13.31 -33.70
C LEU A 370 25.05 -13.18 -34.42
N ILE A 371 24.96 -12.95 -35.73
CA ILE A 371 26.11 -12.92 -36.59
C ILE A 371 25.82 -11.92 -37.68
N GLN A 372 26.77 -11.02 -37.89
CA GLN A 372 26.73 -10.13 -39.03
C GLN A 372 27.05 -10.95 -40.27
N LYS A 373 27.30 -12.25 -40.06
CA LYS A 373 27.66 -13.20 -41.12
C LYS A 373 26.58 -13.36 -42.20
N ASP A 374 25.65 -12.40 -42.23
CA ASP A 374 24.82 -12.23 -43.38
C ASP A 374 25.48 -11.29 -44.38
N SER A 375 25.43 -11.68 -45.64
CA SER A 375 25.79 -10.81 -46.73
C SER A 375 24.55 -10.02 -47.15
N SER A 376 23.70 -9.69 -46.17
CA SER A 376 22.44 -8.97 -46.41
C SER A 376 22.67 -7.58 -46.96
N ASP A 377 21.72 -7.10 -47.74
CA ASP A 377 21.70 -5.71 -48.22
C ASP A 377 21.77 -4.72 -47.07
N LEU A 378 21.55 -5.22 -45.86
CA LEU A 378 21.55 -4.42 -44.64
C LEU A 378 22.94 -3.90 -44.30
N TYR A 379 23.93 -4.77 -44.44
CA TYR A 379 25.32 -4.44 -44.13
C TYR A 379 25.97 -3.59 -45.20
N LYS A 380 25.16 -3.11 -46.14
CA LYS A 380 25.60 -2.08 -47.07
C LYS A 380 25.75 -0.75 -46.32
N TRP A 381 24.73 -0.40 -45.52
CA TRP A 381 24.75 0.86 -44.76
C TRP A 381 24.97 0.69 -43.26
N TYR A 382 24.44 -0.39 -42.68
CA TYR A 382 24.48 -0.59 -41.22
C TYR A 382 25.85 -1.04 -40.67
N LYS A 383 26.40 -0.20 -39.78
CA LYS A 383 27.71 -0.45 -39.17
C LYS A 383 27.68 -0.89 -37.70
N GLY A 384 26.50 -0.86 -37.08
CA GLY A 384 26.38 -1.18 -35.65
C GLY A 384 26.57 -2.66 -35.29
N PRO A 385 26.35 -3.00 -34.01
CA PRO A 385 26.43 -4.39 -33.55
C PRO A 385 25.23 -5.26 -33.94
N THR A 386 25.33 -6.56 -33.68
CA THR A 386 24.17 -7.44 -33.71
C THR A 386 23.33 -7.20 -32.44
N LEU A 387 22.10 -7.71 -32.44
CA LEU A 387 21.27 -7.63 -31.24
C LEU A 387 22.04 -8.23 -30.08
N LEU A 388 22.63 -9.41 -30.29
CA LEU A 388 23.32 -10.11 -29.21
C LEU A 388 24.43 -9.25 -28.62
N SER A 389 25.13 -8.54 -29.51
CA SER A 389 26.24 -7.69 -29.11
C SER A 389 25.76 -6.42 -28.43
N ALA A 390 24.59 -5.92 -28.85
CA ALA A 390 23.96 -4.76 -28.21
C ALA A 390 23.54 -5.08 -26.79
N LEU A 391 23.07 -6.31 -26.58
CA LEU A 391 22.77 -6.82 -25.25
C LEU A 391 24.05 -7.00 -24.42
N ASP A 392 25.11 -7.47 -25.08
CA ASP A 392 26.39 -7.73 -24.42
C ASP A 392 27.10 -6.47 -23.98
N GLN A 393 26.62 -5.32 -24.44
CA GLN A 393 27.23 -4.04 -24.10
C GLN A 393 26.54 -3.35 -22.94
N LEU A 394 25.49 -3.99 -22.40
CA LEU A 394 24.74 -3.43 -21.29
C LEU A 394 25.34 -3.98 -20.00
N VAL A 395 25.85 -3.09 -19.16
CA VAL A 395 26.60 -3.52 -17.98
C VAL A 395 25.68 -3.86 -16.81
N PRO A 396 25.65 -5.14 -16.40
CA PRO A 396 24.78 -5.53 -15.29
C PRO A 396 25.42 -5.13 -13.96
N PRO A 397 24.64 -5.14 -12.86
CA PRO A 397 25.19 -4.94 -11.52
C PRO A 397 26.42 -5.80 -11.29
N GLU A 398 27.44 -5.20 -10.66
CA GLU A 398 28.79 -5.78 -10.61
C GLU A 398 28.86 -7.25 -10.18
N LYS A 399 28.80 -7.53 -8.88
CA LYS A 399 28.99 -8.90 -8.37
C LYS A 399 28.05 -9.18 -7.20
N PRO A 400 26.75 -9.38 -7.50
CA PRO A 400 25.70 -9.33 -6.50
C PRO A 400 25.79 -10.43 -5.47
N TYR A 401 26.46 -11.54 -5.81
CA TYR A 401 26.67 -12.63 -4.85
C TYR A 401 27.60 -12.21 -3.69
N ARG A 402 28.25 -11.05 -3.85
CA ARG A 402 29.18 -10.52 -2.85
C ARG A 402 28.56 -9.46 -1.96
N LYS A 403 27.55 -8.77 -2.48
CA LYS A 403 26.86 -7.72 -1.72
C LYS A 403 26.16 -8.34 -0.49
N PRO A 404 25.77 -7.53 0.51
CA PRO A 404 25.11 -8.11 1.68
C PRO A 404 23.91 -8.98 1.31
N LEU A 405 23.67 -10.04 2.07
CA LEU A 405 22.62 -10.99 1.77
C LEU A 405 21.23 -10.38 1.92
N ARG A 406 20.40 -10.58 0.90
CA ARG A 406 18.97 -10.24 0.97
C ARG A 406 18.18 -11.41 0.37
N LEU A 407 17.38 -12.07 1.18
CA LEU A 407 16.63 -13.23 0.72
C LEU A 407 15.17 -12.98 0.94
N SER A 408 14.40 -12.92 -0.15
CA SER A 408 12.96 -12.67 -0.03
C SER A 408 12.23 -13.97 0.23
N ILE A 409 11.14 -13.86 1.00
CA ILE A 409 10.31 -15.00 1.40
C ILE A 409 9.02 -15.03 0.59
N ASP A 410 8.85 -16.05 -0.22
CA ASP A 410 7.68 -16.15 -1.08
C ASP A 410 6.55 -16.90 -0.39
N ASP A 411 6.94 -17.92 0.37
CA ASP A 411 6.02 -18.85 1.00
C ASP A 411 6.65 -19.38 2.29
N VAL A 412 5.82 -19.74 3.26
CA VAL A 412 6.30 -20.30 4.55
C VAL A 412 5.33 -21.39 4.99
N TYR A 413 5.89 -22.52 5.42
CA TYR A 413 5.09 -23.65 5.93
C TYR A 413 5.87 -24.64 6.81
N ARG A 414 5.18 -25.26 7.75
CA ARG A 414 5.79 -26.21 8.71
C ARG A 414 6.28 -27.50 8.03
N SER A 415 7.37 -28.06 8.54
CA SER A 415 7.80 -29.41 8.15
C SER A 415 8.38 -30.20 9.34
N PRO A 416 8.65 -31.52 9.16
CA PRO A 416 9.36 -32.34 10.14
C PRO A 416 10.09 -31.57 11.26
N ARG A 417 11.41 -31.36 11.14
CA ARG A 417 12.17 -30.62 12.16
C ARG A 417 12.63 -29.26 11.65
N SER A 418 11.79 -28.66 10.81
CA SER A 418 12.08 -27.36 10.24
C SER A 418 10.82 -26.65 9.72
N VAL A 419 10.81 -25.35 9.89
CA VAL A 419 9.95 -24.48 9.12
C VAL A 419 10.59 -24.29 7.74
N THR A 420 9.87 -24.65 6.69
CA THR A 420 10.37 -24.47 5.31
C THR A 420 10.02 -23.08 4.79
N VAL A 421 10.98 -22.40 4.15
CA VAL A 421 10.67 -21.16 3.41
C VAL A 421 11.15 -21.27 1.98
N THR A 422 10.41 -20.67 1.06
CA THR A 422 10.84 -20.59 -0.32
C THR A 422 10.88 -19.12 -0.76
N GLY A 423 11.78 -18.83 -1.70
CA GLY A 423 11.88 -17.47 -2.20
C GLY A 423 13.08 -17.30 -3.10
N ARG A 424 13.64 -16.09 -3.10
CA ARG A 424 14.74 -15.75 -4.00
C ARG A 424 15.96 -15.22 -3.24
N VAL A 425 17.15 -15.43 -3.77
CA VAL A 425 18.33 -14.74 -3.24
C VAL A 425 18.47 -13.41 -3.99
N GLU A 426 18.00 -12.32 -3.38
CA GLU A 426 17.93 -11.02 -4.03
C GLU A 426 19.29 -10.34 -4.19
N ALA A 427 20.22 -10.69 -3.30
CA ALA A 427 21.62 -10.27 -3.36
C ALA A 427 22.37 -11.10 -2.34
N GLY A 428 23.66 -11.31 -2.58
CA GLY A 428 24.52 -11.99 -1.62
C GLY A 428 24.56 -13.47 -1.83
N ASN A 429 24.73 -14.22 -0.74
CA ASN A 429 24.77 -15.68 -0.79
C ASN A 429 24.41 -16.26 0.56
N VAL A 430 24.19 -17.58 0.55
CA VAL A 430 23.63 -18.30 1.69
C VAL A 430 24.08 -19.74 1.56
N GLN A 431 24.41 -20.36 2.68
CA GLN A 431 24.94 -21.72 2.70
C GLN A 431 24.41 -22.48 3.90
N VAL A 432 24.46 -23.81 3.80
CA VAL A 432 23.96 -24.71 4.85
C VAL A 432 24.67 -24.46 6.19
N ASN A 433 23.91 -24.54 7.28
CA ASN A 433 24.40 -24.37 8.67
C ASN A 433 24.76 -22.94 9.09
N GLN A 434 24.40 -21.97 8.25
CA GLN A 434 24.59 -20.56 8.55
C GLN A 434 23.39 -19.97 9.30
N VAL A 435 23.60 -18.78 9.90
CA VAL A 435 22.55 -18.05 10.60
C VAL A 435 21.91 -17.02 9.66
N LEU A 436 20.58 -17.06 9.60
CA LEU A 436 19.80 -16.08 8.90
C LEU A 436 19.02 -15.25 9.91
N TYR A 437 18.98 -13.94 9.70
CA TYR A 437 18.28 -13.04 10.62
C TYR A 437 17.04 -12.41 9.95
N ASP A 438 15.93 -12.36 10.70
CA ASP A 438 14.68 -11.82 10.19
C ASP A 438 14.35 -10.55 10.94
N VAL A 439 14.65 -9.42 10.32
CA VAL A 439 14.45 -8.14 11.00
C VAL A 439 13.00 -7.93 11.45
N SER A 440 12.06 -8.58 10.75
CA SER A 440 10.62 -8.36 10.96
C SER A 440 10.06 -8.91 12.26
N SER A 441 10.51 -10.12 12.63
CA SER A 441 10.04 -10.71 13.87
C SER A 441 11.15 -10.65 14.91
N GLN A 442 12.26 -10.03 14.55
CA GLN A 442 13.42 -9.87 15.45
C GLN A 442 13.93 -11.22 15.92
N GLU A 443 13.83 -12.21 15.04
CA GLU A 443 14.14 -13.60 15.38
C GLU A 443 15.18 -14.12 14.39
N ASP A 444 15.81 -15.25 14.73
CA ASP A 444 16.82 -15.85 13.85
C ASP A 444 16.68 -17.37 13.73
N ALA A 445 17.53 -17.98 12.89
CA ALA A 445 17.42 -19.39 12.54
C ALA A 445 18.71 -19.98 11.96
N TYR A 446 18.82 -21.30 12.05
CA TYR A 446 19.90 -22.01 11.38
C TYR A 446 19.38 -22.62 10.09
N VAL A 447 20.08 -22.35 9.00
CA VAL A 447 19.83 -23.02 7.73
C VAL A 447 20.17 -24.50 7.88
N LYS A 448 19.18 -25.37 7.68
CA LYS A 448 19.39 -26.81 7.85
C LYS A 448 19.55 -27.47 6.49
N ASN A 449 18.97 -26.86 5.47
CA ASN A 449 19.07 -27.35 4.10
C ASN A 449 18.95 -26.20 3.11
N VAL A 450 19.55 -26.38 1.94
CA VAL A 450 19.40 -25.43 0.84
C VAL A 450 19.18 -26.22 -0.44
N ILE A 451 17.97 -26.08 -0.99
CA ILE A 451 17.72 -26.54 -2.34
C ILE A 451 17.82 -25.32 -3.23
N ARG A 452 18.86 -25.31 -4.06
CA ARG A 452 19.15 -24.21 -4.98
C ARG A 452 18.10 -24.12 -6.09
N ASN A 453 18.49 -24.23 -7.35
CA ASN A 453 17.52 -24.06 -8.42
C ASN A 453 16.73 -25.32 -8.71
N SER A 454 17.30 -26.22 -9.50
CA SER A 454 16.72 -27.55 -9.68
C SER A 454 16.43 -28.15 -8.29
N ASP A 455 16.92 -29.36 -8.02
CA ASP A 455 16.73 -30.00 -6.71
C ASP A 455 18.01 -30.74 -6.33
N PRO A 456 19.16 -30.05 -6.43
CA PRO A 456 20.40 -30.83 -6.34
C PRO A 456 20.71 -31.19 -4.89
N SER A 457 21.86 -31.79 -4.68
CA SER A 457 22.40 -31.89 -3.35
C SER A 457 23.26 -30.65 -3.09
N SER A 458 22.76 -29.50 -3.57
CA SER A 458 23.38 -28.20 -3.34
C SER A 458 23.52 -27.86 -1.86
N THR A 459 24.54 -27.08 -1.53
CA THR A 459 24.81 -26.74 -0.13
C THR A 459 24.85 -25.23 0.07
N TRP A 460 24.79 -24.49 -1.03
CA TRP A 460 24.75 -23.03 -0.97
C TRP A 460 23.94 -22.49 -2.15
N ALA A 461 23.58 -21.22 -2.07
CA ALA A 461 22.99 -20.52 -3.22
C ALA A 461 23.53 -19.09 -3.32
N VAL A 462 23.40 -18.50 -4.50
CA VAL A 462 23.90 -17.13 -4.74
C VAL A 462 22.85 -16.24 -5.38
N ALA A 463 22.99 -14.93 -5.17
CA ALA A 463 22.17 -13.92 -5.81
C ALA A 463 21.62 -14.40 -7.13
N GLY A 464 20.29 -14.37 -7.25
CA GLY A 464 19.59 -14.78 -8.46
C GLY A 464 18.92 -16.14 -8.40
N ASP A 465 19.45 -17.05 -7.58
CA ASP A 465 18.84 -18.37 -7.42
C ASP A 465 17.54 -18.27 -6.58
N THR A 466 16.50 -18.98 -7.03
CA THR A 466 15.36 -19.24 -6.17
C THR A 466 15.84 -20.27 -5.17
N VAL A 467 15.33 -20.23 -3.93
CA VAL A 467 15.76 -21.18 -2.89
C VAL A 467 14.58 -21.81 -2.19
N THR A 468 14.81 -22.97 -1.62
CA THR A 468 13.86 -23.58 -0.71
C THR A 468 14.71 -23.99 0.48
N LEU A 469 14.59 -23.21 1.56
CA LEU A 469 15.39 -23.39 2.76
C LEU A 469 14.71 -24.24 3.82
N GLN A 470 15.51 -24.72 4.77
CA GLN A 470 14.97 -25.34 5.96
C GLN A 470 15.62 -24.72 7.19
N LEU A 471 14.81 -24.13 8.06
CA LEU A 471 15.35 -23.34 9.15
C LEU A 471 15.11 -24.03 10.49
N ALA A 472 16.12 -24.01 11.37
CA ALA A 472 16.13 -24.86 12.55
C ALA A 472 15.52 -24.29 13.83
N ASP A 473 16.10 -23.23 14.39
CA ASP A 473 15.68 -22.76 15.72
C ASP A 473 14.75 -21.54 15.69
N ILE A 474 13.65 -21.69 14.96
CA ILE A 474 12.66 -20.62 14.78
C ILE A 474 11.27 -21.22 14.63
N GLU A 475 10.25 -20.57 15.18
CA GLU A 475 8.90 -21.08 15.04
C GLU A 475 8.20 -20.49 13.83
N VAL A 476 7.24 -21.25 13.30
CA VAL A 476 6.63 -20.95 12.00
C VAL A 476 6.00 -19.55 11.89
N ASN A 477 5.33 -19.13 12.96
CA ASN A 477 4.58 -17.89 12.95
C ASN A 477 5.48 -16.65 12.99
N GLN A 478 6.77 -16.88 13.22
CA GLN A 478 7.72 -15.77 13.27
C GLN A 478 8.50 -15.61 11.97
N LEU A 479 7.80 -15.74 10.86
CA LEU A 479 8.40 -15.86 9.54
C LEU A 479 7.21 -15.80 8.58
N ARG A 480 7.06 -14.68 7.89
CA ARG A 480 5.91 -14.43 7.02
C ARG A 480 6.40 -14.03 5.61
N PRO A 481 5.66 -14.44 4.54
CA PRO A 481 5.94 -13.97 3.17
C PRO A 481 6.06 -12.45 3.09
N GLY A 482 7.06 -11.96 2.37
CA GLY A 482 7.30 -10.53 2.29
C GLY A 482 8.45 -10.06 3.17
N ASP A 483 8.74 -10.83 4.21
CA ASP A 483 9.95 -10.62 4.99
C ASP A 483 11.16 -10.84 4.08
N ILE A 484 12.22 -10.11 4.40
CA ILE A 484 13.51 -10.26 3.78
C ILE A 484 14.39 -10.75 4.90
N LEU A 485 15.08 -11.87 4.71
CA LEU A 485 16.14 -12.18 5.67
C LEU A 485 17.56 -11.85 5.21
N SER A 486 18.47 -11.83 6.17
CA SER A 486 19.81 -11.30 5.97
C SER A 486 20.69 -11.76 7.12
N ASN A 487 21.95 -11.37 7.10
CA ASN A 487 22.85 -11.60 8.23
C ASN A 487 22.75 -10.45 9.23
N TYR A 488 23.29 -10.61 10.43
CA TYR A 488 23.28 -9.51 11.40
C TYR A 488 24.24 -8.43 10.92
N GLU A 489 25.15 -8.83 10.05
CA GLU A 489 26.12 -7.92 9.45
C GLU A 489 25.45 -7.28 8.23
N ASN A 490 25.39 -5.96 8.25
CA ASN A 490 24.65 -5.17 7.27
C ASN A 490 23.25 -5.72 7.19
N PRO A 491 22.47 -5.60 8.27
CA PRO A 491 21.15 -6.23 8.23
C PRO A 491 20.21 -5.40 7.36
N VAL A 492 19.17 -6.04 6.85
CA VAL A 492 18.08 -5.29 6.23
C VAL A 492 17.42 -4.39 7.31
N ARG A 493 16.94 -3.24 6.86
CA ARG A 493 16.42 -2.23 7.75
C ARG A 493 14.91 -2.28 7.61
N ARG A 494 14.20 -2.29 8.74
CA ARG A 494 12.75 -2.14 8.69
C ARG A 494 12.38 -0.71 9.07
N VAL A 495 11.53 -0.10 8.25
CA VAL A 495 11.19 1.31 8.36
C VAL A 495 9.69 1.58 8.35
N ARG A 496 9.33 2.73 8.89
CA ARG A 496 7.96 3.21 8.93
C ARG A 496 7.64 4.04 7.67
N SER A 497 8.67 4.65 7.07
CA SER A 497 8.46 5.49 5.89
C SER A 497 9.70 5.66 5.04
N PHE A 498 9.51 5.99 3.76
CA PHE A 498 10.63 6.10 2.81
C PHE A 498 10.36 7.19 1.77
N VAL A 499 11.39 7.55 1.01
CA VAL A 499 11.21 8.50 -0.09
C VAL A 499 11.27 7.76 -1.43
N ALA A 500 10.42 8.16 -2.37
CA ALA A 500 10.29 7.44 -3.63
C ALA A 500 10.06 8.35 -4.81
N GLU A 501 10.58 7.95 -5.96
CA GLU A 501 10.29 8.62 -7.21
C GLU A 501 9.22 7.79 -7.91
N ILE A 502 7.96 8.15 -7.71
CA ILE A 502 6.91 7.47 -8.42
C ILE A 502 6.66 8.16 -9.74
N GLN A 503 5.92 7.47 -10.58
CA GLN A 503 5.54 8.00 -11.86
C GLN A 503 4.11 7.52 -12.02
N THR A 504 3.27 8.39 -12.54
CA THR A 504 1.85 8.22 -12.47
C THR A 504 1.28 7.82 -13.84
N PHE A 505 0.18 7.08 -13.86
CA PHE A 505 -0.39 6.62 -15.14
C PHE A 505 -1.65 7.38 -15.51
N ASP A 506 -2.57 6.70 -16.20
CA ASP A 506 -3.91 7.23 -16.45
C ASP A 506 -4.79 7.06 -15.24
N ILE A 507 -5.03 8.14 -14.51
CA ILE A 507 -5.76 8.01 -13.27
C ILE A 507 -7.00 8.90 -13.29
N HIS A 508 -8.02 8.53 -12.52
CA HIS A 508 -9.25 9.31 -12.49
C HIS A 508 -9.05 10.59 -11.68
N GLY A 509 -9.37 10.53 -10.40
CA GLY A 509 -9.05 11.66 -9.52
C GLY A 509 -7.54 11.69 -9.27
N PRO A 510 -7.00 12.88 -9.00
CA PRO A 510 -5.57 12.90 -8.70
C PRO A 510 -5.27 12.35 -7.31
N ILE A 511 -4.01 11.97 -7.11
CA ILE A 511 -3.49 11.60 -5.80
C ILE A 511 -3.27 12.87 -4.96
N LEU A 512 -4.01 13.01 -3.87
CA LEU A 512 -3.83 14.13 -2.96
C LEU A 512 -2.71 13.86 -1.92
N SER A 513 -2.08 14.93 -1.44
CA SER A 513 -1.03 14.76 -0.43
C SER A 513 -1.68 14.35 0.90
N GLY A 514 -1.53 13.07 1.24
CA GLY A 514 -2.21 12.49 2.39
C GLY A 514 -3.12 11.34 1.98
N SER A 515 -3.08 10.97 0.70
CA SER A 515 -3.92 9.89 0.21
C SER A 515 -3.45 8.54 0.70
N THR A 516 -4.42 7.65 0.92
CA THR A 516 -4.22 6.27 1.32
C THR A 516 -4.25 5.41 0.06
N LEU A 517 -3.14 4.72 -0.21
CA LEU A 517 -3.04 3.79 -1.34
C LEU A 517 -2.59 2.42 -0.86
N VAL A 518 -2.66 1.42 -1.74
CA VAL A 518 -2.17 0.09 -1.38
C VAL A 518 -0.87 -0.12 -2.13
N LEU A 519 0.22 -0.33 -1.39
CA LEU A 519 1.53 -0.58 -1.97
C LEU A 519 1.69 -2.07 -2.19
N HIS A 520 2.28 -2.45 -3.33
CA HIS A 520 2.47 -3.85 -3.74
C HIS A 520 3.93 -4.09 -4.06
N LEU A 521 4.67 -4.70 -3.14
CA LEU A 521 6.07 -4.96 -3.38
C LEU A 521 6.24 -6.40 -3.71
N GLY A 522 6.61 -7.23 -2.75
CA GLY A 522 6.85 -8.63 -3.12
C GLY A 522 5.55 -9.36 -2.93
N ARG A 523 5.52 -10.20 -1.91
CA ARG A 523 4.27 -10.77 -1.41
C ARG A 523 3.53 -9.79 -0.48
N THR A 524 4.21 -8.74 -0.06
CA THR A 524 3.62 -7.72 0.79
C THR A 524 2.75 -6.75 -0.01
N VAL A 525 1.48 -6.66 0.35
CA VAL A 525 0.63 -5.61 -0.16
C VAL A 525 -0.02 -4.97 1.07
N THR A 526 0.19 -3.67 1.26
CA THR A 526 -0.16 -3.01 2.52
C THR A 526 -0.59 -1.56 2.35
N SER A 527 -1.32 -1.02 3.34
CA SER A 527 -1.90 0.31 3.20
C SER A 527 -0.92 1.39 3.59
N VAL A 528 -0.82 2.40 2.73
CA VAL A 528 0.14 3.47 2.93
C VAL A 528 -0.51 4.82 2.74
N SER A 529 0.15 5.85 3.25
CA SER A 529 -0.23 7.19 2.90
C SER A 529 0.94 7.85 2.20
N LEU A 530 0.58 8.66 1.23
CA LEU A 530 1.52 9.30 0.37
C LEU A 530 1.46 10.79 0.63
N LYS A 531 2.60 11.38 0.94
CA LYS A 531 2.70 12.83 1.11
C LYS A 531 3.56 13.37 -0.04
N ILE A 532 3.12 14.45 -0.68
CA ILE A 532 3.82 15.01 -1.83
C ILE A 532 5.04 15.86 -1.40
N VAL A 533 6.19 15.62 -2.05
CA VAL A 533 7.34 16.49 -1.90
C VAL A 533 7.36 17.49 -3.06
N THR A 534 7.32 16.95 -4.28
CA THR A 534 7.33 17.76 -5.51
C THR A 534 6.76 16.96 -6.69
N VAL A 535 6.24 17.65 -7.71
CA VAL A 535 5.72 16.90 -8.87
C VAL A 535 6.66 16.93 -10.09
N ASN A 536 6.45 17.79 -11.08
CA ASN A 536 7.41 17.84 -12.18
C ASN A 536 8.53 18.81 -11.80
N ASN A 537 9.19 18.48 -10.70
CA ASN A 537 10.19 19.32 -10.01
C ASN A 537 9.64 20.58 -9.31
N LYS A 538 8.33 20.80 -9.39
CA LYS A 538 7.69 21.94 -8.74
C LYS A 538 6.75 21.51 -7.61
N ARG A 539 6.62 22.35 -6.59
CA ARG A 539 5.71 22.10 -5.48
C ARG A 539 4.30 22.01 -5.99
N SER A 540 3.52 21.09 -5.41
CA SER A 540 2.18 20.77 -5.91
C SER A 540 1.28 20.18 -4.85
N ARG A 541 -0.01 20.44 -5.05
CA ARG A 541 -1.08 20.14 -4.12
C ARG A 541 -1.89 18.91 -4.60
N HIS A 542 -1.50 18.37 -5.77
CA HIS A 542 -2.17 17.21 -6.38
C HIS A 542 -1.30 16.61 -7.46
N ILE A 543 -1.31 15.28 -7.58
CA ILE A 543 -0.55 14.66 -8.66
C ILE A 543 -1.44 13.94 -9.67
N ALA A 544 -1.59 14.56 -10.84
CA ALA A 544 -2.48 14.09 -11.88
C ALA A 544 -1.82 13.03 -12.79
N SER A 545 -2.48 12.67 -13.88
CA SER A 545 -2.02 11.62 -14.77
C SER A 545 -0.72 12.01 -15.47
N ARG A 546 0.03 10.98 -15.84
CA ARG A 546 1.28 11.09 -16.60
C ARG A 546 2.28 12.09 -16.05
N LYS A 547 2.64 11.91 -14.78
CA LYS A 547 3.54 12.84 -14.11
C LYS A 547 4.54 12.15 -13.18
N ARG A 548 5.76 12.65 -13.17
CA ARG A 548 6.78 12.20 -12.23
C ARG A 548 6.50 12.88 -10.87
N ALA A 549 6.91 12.26 -9.76
CA ALA A 549 6.77 12.90 -8.45
C ALA A 549 7.69 12.30 -7.41
N LEU A 550 8.25 13.17 -6.58
CA LEU A 550 9.07 12.78 -5.46
C LEU A 550 8.11 12.79 -4.29
N VAL A 551 8.03 11.67 -3.59
CA VAL A 551 7.01 11.51 -2.56
C VAL A 551 7.57 10.85 -1.30
N ARG A 552 6.88 11.03 -0.19
CA ARG A 552 7.20 10.31 1.03
C ARG A 552 6.03 9.42 1.43
N ILE A 553 6.29 8.12 1.40
CA ILE A 553 5.28 7.09 1.63
C ILE A 553 5.43 6.48 3.02
N SER A 554 4.32 6.40 3.74
CA SER A 554 4.34 5.92 5.11
C SER A 554 3.42 4.73 5.24
N PHE A 555 3.90 3.69 5.91
CA PHE A 555 3.10 2.50 6.13
C PHE A 555 2.13 2.80 7.25
N LEU A 556 0.88 2.37 7.04
CA LEU A 556 -0.19 2.56 8.00
C LEU A 556 -0.25 1.38 8.97
N ASP A 557 0.53 0.34 8.72
CA ASP A 557 0.40 -0.93 9.41
C ASP A 557 1.60 -1.43 10.20
N GLY A 558 2.55 -0.57 10.46
CA GLY A 558 3.72 -1.00 11.18
C GLY A 558 4.98 -0.85 10.38
N LEU A 559 6.03 -1.53 10.83
CA LEU A 559 7.32 -1.40 10.23
C LEU A 559 7.49 -2.47 9.17
N PHE A 560 7.96 -2.08 8.00
CA PHE A 560 8.16 -3.05 6.92
C PHE A 560 9.61 -3.00 6.43
N PRO A 561 10.14 -4.15 6.00
CA PRO A 561 11.53 -4.21 5.61
C PRO A 561 11.69 -3.90 4.13
N LEU A 562 12.63 -3.04 3.78
CA LEU A 562 12.93 -2.85 2.36
C LEU A 562 14.30 -2.31 2.06
N CYS A 563 14.57 -2.19 0.77
CA CYS A 563 15.82 -1.68 0.29
C CYS A 563 15.56 -0.60 -0.72
N LEU A 564 16.58 0.22 -0.93
CA LEU A 564 16.64 1.12 -2.05
C LEU A 564 16.59 0.28 -3.31
N ALA A 565 16.03 0.83 -4.38
CA ALA A 565 16.09 0.21 -5.70
C ALA A 565 17.53 0.16 -6.21
N GLU A 566 18.37 1.08 -5.75
CA GLU A 566 19.79 1.12 -6.12
C GLU A 566 20.46 -0.17 -5.70
N GLU A 567 20.13 -0.62 -4.51
CA GLU A 567 20.80 -1.73 -3.87
C GLU A 567 20.27 -3.05 -4.41
N CYS A 568 18.99 -3.05 -4.79
CA CYS A 568 18.24 -4.29 -4.96
C CYS A 568 16.88 -4.07 -5.63
N PRO A 569 16.84 -4.04 -6.98
CA PRO A 569 15.59 -3.78 -7.68
C PRO A 569 14.35 -4.47 -7.09
N ALA A 570 14.36 -5.80 -6.99
CA ALA A 570 13.15 -6.54 -6.67
C ALA A 570 12.60 -6.14 -5.31
N LEU A 571 13.44 -5.46 -4.55
CA LEU A 571 13.10 -5.09 -3.20
C LEU A 571 12.74 -3.61 -3.10
N GLY A 572 13.06 -2.87 -4.17
CA GLY A 572 12.87 -1.42 -4.20
C GLY A 572 11.92 -0.91 -5.27
N ARG A 573 11.38 -1.81 -6.06
CA ARG A 573 10.36 -1.45 -7.04
C ARG A 573 9.00 -1.90 -6.55
N PHE A 574 8.01 -1.00 -6.60
CA PHE A 574 6.68 -1.27 -6.06
C PHE A 574 5.61 -0.70 -6.96
N ILE A 575 4.37 -1.10 -6.72
CA ILE A 575 3.24 -0.53 -7.43
C ILE A 575 2.28 0.16 -6.46
N LEU A 576 1.65 1.25 -6.89
CA LEU A 576 0.64 1.91 -6.09
C LEU A 576 -0.76 1.73 -6.67
N ARG A 577 -1.71 1.28 -5.86
CA ARG A 577 -3.11 1.30 -6.31
C ARG A 577 -4.11 1.92 -5.34
N ARG A 578 -5.22 2.37 -5.90
CA ARG A 578 -6.14 3.14 -5.11
C ARG A 578 -7.27 2.27 -4.59
N SER A 579 -8.35 2.11 -5.34
CA SER A 579 -9.34 1.11 -4.95
C SER A 579 -8.90 -0.15 -5.65
N GLY A 580 -9.48 -0.42 -6.81
CA GLY A 580 -9.01 -1.51 -7.65
C GLY A 580 -7.99 -1.10 -8.71
N ASP A 581 -7.89 0.20 -9.00
CA ASP A 581 -7.06 0.68 -10.11
C ASP A 581 -5.61 0.92 -9.70
N THR A 582 -4.68 0.51 -10.56
CA THR A 582 -3.30 0.86 -10.34
C THR A 582 -3.07 2.29 -10.86
N VAL A 583 -2.38 3.09 -10.05
CA VAL A 583 -2.28 4.51 -10.34
C VAL A 583 -0.85 4.99 -10.50
N ALA A 584 0.10 4.22 -9.99
CA ALA A 584 1.49 4.66 -10.04
C ALA A 584 2.45 3.51 -9.79
N ALA A 585 3.73 3.75 -10.10
CA ALA A 585 4.81 2.84 -9.75
C ALA A 585 6.08 3.66 -9.50
N GLY A 586 7.00 3.14 -8.70
CA GLY A 586 8.21 3.88 -8.41
C GLY A 586 9.34 3.08 -7.79
N ILE A 587 10.45 3.76 -7.54
CA ILE A 587 11.60 3.16 -6.87
C ILE A 587 11.79 3.83 -5.52
N VAL A 588 12.22 3.08 -4.51
CA VAL A 588 12.54 3.69 -3.22
C VAL A 588 13.94 4.30 -3.25
N LYS A 589 14.04 5.57 -2.89
CA LYS A 589 15.28 6.31 -3.05
C LYS A 589 16.00 6.59 -1.73
N GLU A 590 15.28 6.46 -0.62
CA GLU A 590 15.80 6.82 0.70
C GLU A 590 15.03 6.06 1.76
N LEU A 591 15.71 5.63 2.80
CA LEU A 591 15.04 5.09 3.97
C LEU A 591 14.88 6.12 5.09
N CYS A 592 13.74 6.07 5.79
CA CYS A 592 13.56 6.83 7.03
C CYS A 592 13.33 5.89 8.22
N ILE B 8 -28.80 25.28 33.60
CA ILE B 8 -27.40 24.82 33.83
C ILE B 8 -26.39 25.90 33.42
N GLU B 9 -26.67 26.56 32.29
CA GLU B 9 -25.72 27.48 31.65
C GLU B 9 -26.06 28.97 31.69
N LYS B 10 -25.43 29.69 32.61
CA LYS B 10 -25.50 31.14 32.63
C LYS B 10 -24.32 31.72 31.85
N ASN B 11 -24.13 33.03 31.94
CA ASN B 11 -22.98 33.69 31.32
C ASN B 11 -22.13 34.40 32.37
N SER B 13 -19.82 30.31 30.95
CA SER B 13 -19.43 29.78 32.26
C SER B 13 -20.56 29.02 32.95
N GLY B 14 -20.17 28.01 33.73
CA GLY B 14 -21.12 27.19 34.49
C GLY B 14 -20.60 25.79 34.75
N TRP B 15 -21.44 24.79 34.52
CA TRP B 15 -21.14 23.38 34.74
C TRP B 15 -22.33 22.50 34.34
N ILE B 16 -22.06 21.29 33.87
CA ILE B 16 -23.11 20.34 33.53
C ILE B 16 -22.92 19.01 34.27
N THR B 17 -24.03 18.33 34.53
CA THR B 17 -23.99 17.02 35.17
C THR B 17 -24.77 16.02 34.33
N MET B 18 -24.07 15.00 33.85
CA MET B 18 -24.66 13.98 32.99
C MET B 18 -24.14 12.59 33.33
N GLU B 22 -24.53 4.52 27.00
CA GLU B 22 -24.00 4.33 25.64
C GLU B 22 -22.48 4.50 25.60
N PRO B 23 -21.76 3.58 24.92
CA PRO B 23 -20.29 3.65 24.89
C PRO B 23 -19.75 4.81 24.05
N GLU B 24 -20.56 5.27 23.10
CA GLU B 24 -20.24 6.44 22.30
C GLU B 24 -20.17 7.72 23.14
N ASP B 25 -20.84 7.72 24.28
CA ASP B 25 -20.93 8.90 25.13
C ASP B 25 -19.62 9.16 25.84
N MET B 26 -18.82 8.11 25.99
CA MET B 26 -17.42 8.25 26.40
C MET B 26 -16.63 9.02 25.34
N TRP B 27 -16.96 8.80 24.07
CA TRP B 27 -16.27 9.45 22.96
C TRP B 27 -16.64 10.92 22.91
N HIS B 28 -17.93 11.20 22.94
CA HIS B 28 -18.42 12.56 22.94
C HIS B 28 -17.70 13.35 24.03
N LEU B 29 -17.59 12.72 25.21
CA LEU B 29 -16.92 13.28 26.37
C LEU B 29 -15.45 13.56 26.15
N TYR B 30 -14.75 12.59 25.55
CA TYR B 30 -13.35 12.74 25.12
C TYR B 30 -13.19 14.00 24.28
N ASN B 31 -14.13 14.23 23.37
CA ASN B 31 -14.15 15.46 22.62
C ASN B 31 -14.46 16.69 23.49
N ILE B 32 -15.42 16.55 24.41
CA ILE B 32 -15.87 17.62 25.31
C ILE B 32 -14.79 18.09 26.29
N LEU B 33 -14.15 17.13 26.96
CA LEU B 33 -13.09 17.39 27.93
C LEU B 33 -11.98 18.28 27.39
N GLN B 34 -11.45 19.15 28.24
CA GLN B 34 -10.36 20.06 27.89
C GLN B 34 -9.42 20.24 29.08
N VAL B 35 -8.11 20.30 28.83
CA VAL B 35 -7.14 20.56 29.89
C VAL B 35 -7.39 21.94 30.52
N GLY B 36 -7.53 21.97 31.84
CA GLY B 36 -7.92 23.17 32.54
C GLY B 36 -9.31 23.04 33.15
N ASP B 37 -10.07 22.07 32.62
CA ASP B 37 -11.40 21.75 33.15
C ASP B 37 -11.31 21.02 34.48
N GLN B 38 -12.42 20.99 35.21
CA GLN B 38 -12.47 20.29 36.47
C GLN B 38 -13.70 19.41 36.54
N LEU B 39 -13.51 18.17 37.01
CA LEU B 39 -14.62 17.25 37.21
C LEU B 39 -14.40 16.22 38.31
N LYS B 40 -15.50 15.62 38.76
CA LYS B 40 -15.49 14.59 39.80
C LYS B 40 -16.60 13.56 39.65
N ALA B 41 -16.39 12.43 40.30
CA ALA B 41 -17.34 11.31 40.35
C ALA B 41 -16.77 10.32 41.37
N SER B 42 -17.24 9.07 41.34
CA SER B 42 -16.73 8.04 42.24
C SER B 42 -15.41 7.45 41.76
N THR B 43 -14.48 7.26 42.71
CA THR B 43 -13.23 6.51 42.46
C THR B 43 -12.75 5.78 43.72
N VAL B 44 -11.59 5.14 43.64
CA VAL B 44 -11.00 4.46 44.80
C VAL B 44 -9.64 5.06 45.19
N ARG B 45 -9.42 5.26 46.49
CA ARG B 45 -8.10 5.66 47.00
C ARG B 45 -7.77 4.92 48.31
N ARG B 66 -12.91 16.03 42.49
CA ARG B 66 -12.66 17.21 41.67
C ARG B 66 -11.18 17.32 41.35
N ILE B 67 -10.86 17.18 40.07
CA ILE B 67 -9.48 17.33 39.60
C ILE B 67 -9.38 18.34 38.46
N LEU B 68 -8.22 19.00 38.36
CA LEU B 68 -7.84 19.70 37.15
C LEU B 68 -7.51 18.65 36.11
N VAL B 69 -8.30 18.63 35.04
CA VAL B 69 -8.07 17.72 33.93
C VAL B 69 -6.74 18.06 33.26
N GLU B 70 -5.88 17.06 33.08
CA GLU B 70 -4.55 17.22 32.52
C GLU B 70 -4.28 16.20 31.40
N ASN B 71 -4.93 15.05 31.49
CA ASN B 71 -4.77 14.00 30.50
C ASN B 71 -6.06 13.22 30.30
N MET B 72 -6.44 13.04 29.03
CA MET B 72 -7.54 12.14 28.70
C MET B 72 -7.03 10.93 27.91
N ASP B 73 -7.57 9.75 28.24
CA ASP B 73 -7.17 8.50 27.61
C ASP B 73 -8.36 7.62 27.28
N PHE B 74 -8.68 7.52 25.99
CA PHE B 74 -9.80 6.70 25.56
C PHE B 74 -9.35 5.39 24.97
N ASP B 75 -9.54 4.31 25.72
CA ASP B 75 -9.37 2.95 25.20
C ASP B 75 -10.35 2.72 24.06
N THR B 76 -9.84 2.75 22.84
CA THR B 76 -10.64 2.59 21.63
C THR B 76 -11.56 1.37 21.54
N LYS B 77 -11.49 0.44 22.51
CA LYS B 77 -12.05 -0.93 22.31
C LYS B 77 -13.23 -1.49 23.16
N ALA B 78 -13.98 -0.70 23.95
CA ALA B 78 -13.85 0.74 24.16
C ALA B 78 -14.55 1.13 25.47
N ALA B 79 -14.45 0.26 26.48
CA ALA B 79 -15.10 0.52 27.77
C ALA B 79 -14.68 1.83 28.47
N GLN B 80 -13.37 2.06 28.52
CA GLN B 80 -12.77 2.97 29.51
C GLN B 80 -12.50 4.41 29.06
N LEU B 81 -12.67 5.35 29.98
CA LEU B 81 -12.16 6.71 29.79
C LEU B 81 -11.35 7.11 31.01
N HIS B 82 -10.06 7.38 30.80
CA HIS B 82 -9.12 7.67 31.88
C HIS B 82 -8.74 9.14 31.91
N ILE B 83 -9.23 9.85 32.93
CA ILE B 83 -8.94 11.28 33.05
C ILE B 83 -8.04 11.54 34.25
N LYS B 84 -6.98 12.32 34.00
CA LYS B 84 -5.99 12.67 35.01
C LYS B 84 -6.08 14.13 35.41
N ARG B 86 -4.12 18.32 39.39
CA ARG B 86 -4.37 17.18 40.26
C ARG B 86 -5.62 17.39 41.14
N THR B 87 -5.59 16.88 42.37
CA THR B 87 -6.71 17.05 43.32
C THR B 87 -6.95 18.51 43.67
N THR B 88 -8.11 19.02 43.26
CA THR B 88 -8.44 20.44 43.34
C THR B 88 -9.56 20.73 44.34
N GLU B 89 -9.72 19.82 45.32
CA GLU B 89 -10.68 20.00 46.42
C GLU B 89 -10.26 19.35 47.75
N TYR B 90 -11.07 19.58 48.77
CA TYR B 90 -10.87 19.09 50.15
C TYR B 90 -10.50 17.61 50.24
N HIS B 91 -9.67 17.27 51.23
CA HIS B 91 -9.00 15.97 51.27
C HIS B 91 -8.98 15.34 52.68
N PRO B 92 -10.14 14.83 53.15
CA PRO B 92 -10.14 14.10 54.43
C PRO B 92 -10.10 12.59 54.26
N MET B 96 -5.11 17.11 47.94
CA MET B 96 -4.72 18.44 47.50
C MET B 96 -3.25 18.44 47.06
N GLY B 97 -3.02 18.64 45.77
CA GLY B 97 -1.67 18.74 45.23
C GLY B 97 -0.97 17.41 44.99
N SER B 98 -1.74 16.41 44.56
CA SER B 98 -1.23 15.07 44.25
C SER B 98 -2.11 14.40 43.21
N TYR B 99 -1.48 13.75 42.23
CA TYR B 99 -2.18 13.19 41.09
C TYR B 99 -3.21 12.13 41.44
N HIS B 100 -4.32 12.19 40.72
CA HIS B 100 -5.31 11.14 40.75
C HIS B 100 -5.65 10.78 39.31
N THR B 101 -6.36 9.67 39.10
CA THR B 101 -6.95 9.36 37.80
C THR B 101 -8.35 8.78 37.98
N LEU B 102 -9.29 9.25 37.17
CA LEU B 102 -10.71 9.04 37.43
C LEU B 102 -11.26 7.67 37.00
N ASP B 103 -10.84 7.15 35.83
CA ASP B 103 -11.35 5.87 35.30
C ASP B 103 -12.88 5.85 35.20
N LEU B 104 -13.43 6.52 34.19
CA LEU B 104 -14.88 6.77 34.14
C LEU B 104 -15.83 5.58 34.02
N GLU B 105 -16.94 5.69 34.77
CA GLU B 105 -18.08 4.77 34.68
C GLU B 105 -19.10 5.27 33.66
N LEU B 106 -19.95 4.37 33.17
CA LEU B 106 -20.80 4.65 32.00
C LEU B 106 -22.25 5.08 32.30
N HIS B 107 -22.85 4.56 33.35
CA HIS B 107 -24.21 4.97 33.70
C HIS B 107 -24.25 5.93 34.89
N ARG B 108 -23.39 5.69 35.88
CA ARG B 108 -23.17 6.66 36.95
C ARG B 108 -22.59 7.95 36.37
N ASN B 109 -22.93 9.08 36.99
CA ASN B 109 -22.64 10.39 36.42
C ASN B 109 -21.43 11.13 36.99
N PHE B 110 -21.23 12.34 36.51
CA PHE B 110 -20.07 13.15 36.84
C PHE B 110 -20.40 14.62 36.61
N THR B 111 -19.51 15.50 37.05
CA THR B 111 -19.75 16.94 36.99
C THR B 111 -18.57 17.67 36.33
N LEU B 112 -18.87 18.53 35.36
CA LEU B 112 -17.83 19.23 34.57
C LEU B 112 -17.51 20.65 35.07
N TYR B 113 -16.46 21.23 34.49
CA TYR B 113 -16.16 22.67 34.63
C TYR B 113 -15.11 23.11 33.62
N ASN B 115 -15.38 27.11 32.30
CA ASN B 115 -15.55 28.57 32.20
C ASN B 115 -15.86 29.09 30.79
N GLU B 116 -15.22 28.54 29.77
CA GLU B 116 -15.56 28.88 28.39
C GLU B 116 -16.14 27.68 27.65
N TRP B 117 -17.47 27.62 27.63
CA TRP B 117 -18.16 26.60 26.83
C TRP B 117 -18.27 27.03 25.36
N ASP B 118 -17.35 26.53 24.54
CA ASP B 118 -17.28 26.83 23.10
C ASP B 118 -18.56 26.40 22.38
N ALA B 119 -18.79 26.98 21.20
CA ALA B 119 -19.92 26.61 20.35
C ALA B 119 -19.82 25.15 19.90
N PHE B 120 -18.59 24.70 19.64
CA PHE B 120 -18.31 23.29 19.41
C PHE B 120 -18.52 22.51 20.71
N ALA B 121 -17.92 22.99 21.80
CA ALA B 121 -18.04 22.31 23.11
C ALA B 121 -19.49 22.06 23.48
N LEU B 122 -20.38 22.87 22.94
CA LEU B 122 -21.79 22.80 23.27
C LEU B 122 -22.58 21.95 22.30
N ASP B 123 -22.15 21.86 21.04
CA ASP B 123 -22.87 21.02 20.08
C ASP B 123 -22.63 19.51 20.27
N ARG B 124 -21.66 19.17 21.12
CA ARG B 124 -21.36 17.78 21.44
C ARG B 124 -21.97 17.38 22.77
N VAL B 125 -21.84 18.26 23.75
CA VAL B 125 -22.46 18.10 25.07
C VAL B 125 -23.98 18.06 24.92
N ASP B 126 -24.45 18.51 23.76
CA ASP B 126 -25.88 18.56 23.48
C ASP B 126 -26.30 17.46 22.54
N ALA B 127 -25.34 16.97 21.74
CA ALA B 127 -25.59 15.88 20.79
C ALA B 127 -26.21 14.67 21.50
N ALA B 128 -25.39 13.69 21.85
CA ALA B 128 -25.86 12.58 22.68
C ALA B 128 -25.25 12.73 24.07
N CYS B 129 -26.08 12.76 25.12
CA CYS B 129 -27.55 12.81 25.04
C CYS B 129 -28.02 14.24 24.69
N ASN B 130 -29.10 14.39 23.90
CA ASN B 130 -30.03 13.31 23.52
C ASN B 130 -29.78 12.58 22.20
N PRO B 131 -29.73 11.23 22.24
CA PRO B 131 -29.32 10.38 21.12
C PRO B 131 -30.47 9.87 20.23
N SER B 132 -30.14 9.02 19.26
CA SER B 132 -31.13 8.39 18.39
C SER B 132 -30.81 6.91 18.09
N ALA B 135 -28.28 3.04 16.12
CA ALA B 135 -28.36 2.05 15.03
C ALA B 135 -26.99 1.47 14.60
N GLU B 136 -26.54 0.46 15.35
CA GLU B 136 -25.24 -0.18 15.18
C GLU B 136 -25.12 -1.11 13.95
N ILE B 137 -23.92 -1.24 13.41
CA ILE B 137 -23.64 -2.06 12.23
C ILE B 137 -22.36 -2.89 12.41
N GLY B 138 -22.45 -4.19 12.14
CA GLY B 138 -21.27 -5.06 12.11
C GLY B 138 -20.68 -5.06 10.72
N ALA B 139 -19.35 -5.01 10.63
CA ALA B 139 -18.67 -5.01 9.33
C ALA B 139 -17.35 -5.80 9.30
N VAL B 140 -17.30 -6.81 8.43
CA VAL B 140 -16.12 -7.67 8.33
C VAL B 140 -15.48 -7.47 6.97
N VAL B 141 -14.29 -6.88 6.97
CA VAL B 141 -13.50 -6.63 5.76
C VAL B 141 -12.44 -7.71 5.73
N LEU B 142 -12.41 -8.52 4.67
CA LEU B 142 -11.43 -9.61 4.61
C LEU B 142 -10.75 -9.77 3.27
N ASP B 143 -9.56 -10.36 3.29
CA ASP B 143 -8.97 -11.03 2.14
C ASP B 143 -8.57 -12.39 2.63
N GLU B 144 -7.87 -13.15 1.81
CA GLU B 144 -7.66 -14.54 2.14
C GLU B 144 -7.24 -14.82 3.57
N GLY B 145 -6.04 -14.43 3.99
CA GLY B 145 -5.66 -14.75 5.38
C GLY B 145 -5.83 -13.60 6.35
N LEU B 146 -6.68 -12.66 5.97
CA LEU B 146 -6.75 -11.37 6.64
C LEU B 146 -8.19 -10.96 6.92
N ALA B 147 -8.46 -10.58 8.16
CA ALA B 147 -9.81 -10.13 8.52
C ALA B 147 -9.78 -8.94 9.49
N ASN B 148 -10.70 -7.99 9.27
CA ASN B 148 -10.86 -6.84 10.14
C ASN B 148 -12.30 -6.80 10.62
N ILE B 149 -12.50 -7.07 11.90
CA ILE B 149 -13.84 -7.20 12.44
C ILE B 149 -14.26 -5.91 13.14
N CYS B 150 -15.14 -5.18 12.48
CA CYS B 150 -15.52 -3.85 12.96
C CYS B 150 -16.96 -3.71 13.43
N LEU B 151 -17.13 -2.95 14.51
CA LEU B 151 -18.43 -2.48 14.94
C LEU B 151 -18.51 -1.00 14.59
N ILE B 152 -19.55 -0.61 13.86
CA ILE B 152 -19.69 0.78 13.42
C ILE B 152 -20.96 1.49 13.91
N THR B 153 -20.77 2.65 14.55
CA THR B 153 -21.87 3.52 14.96
C THR B 153 -21.70 4.91 14.35
N ASP B 154 -22.71 5.78 14.53
CA ASP B 154 -22.71 7.14 13.96
C ASP B 154 -21.39 7.91 14.15
N TYR B 155 -20.76 7.75 15.31
CA TYR B 155 -19.56 8.51 15.65
C TYR B 155 -18.32 7.62 15.82
N MET B 156 -18.49 6.32 15.73
CA MET B 156 -17.40 5.38 16.00
C MET B 156 -17.31 4.22 15.01
N THR B 157 -16.07 3.90 14.63
CA THR B 157 -15.68 2.63 14.05
C THR B 157 -14.63 2.05 15.00
N ILE B 158 -14.88 0.82 15.47
CA ILE B 158 -13.98 0.13 16.38
C ILE B 158 -13.54 -1.22 15.80
N LEU B 159 -12.24 -1.46 15.85
CA LEU B 159 -11.65 -2.72 15.41
C LEU B 159 -11.70 -3.70 16.58
N ARG B 160 -12.67 -4.60 16.53
CA ARG B 160 -12.80 -5.64 17.53
C ARG B 160 -11.72 -6.71 17.38
N GLN B 161 -11.54 -7.23 16.16
CA GLN B 161 -10.50 -8.20 15.90
C GLN B 161 -9.85 -8.03 14.55
N ARG B 162 -8.51 -8.04 14.57
CA ARG B 162 -7.75 -8.26 13.38
C ARG B 162 -7.30 -9.71 13.37
N ILE B 163 -7.55 -10.40 12.26
CA ILE B 163 -7.02 -11.75 12.11
C ILE B 163 -6.07 -11.73 10.94
N ASP B 164 -4.84 -12.10 11.22
CA ASP B 164 -3.81 -12.11 10.20
C ASP B 164 -3.01 -13.37 10.27
N GLN B 165 -3.42 -14.35 9.47
CA GLN B 165 -2.76 -15.65 9.38
C GLN B 165 -2.03 -15.86 8.04
N VAL B 166 -0.90 -16.56 8.10
CA VAL B 166 -0.17 -16.94 6.88
C VAL B 166 -0.84 -18.15 6.22
N ILE B 167 -1.29 -17.96 4.98
CA ILE B 167 -1.84 -19.09 4.23
C ILE B 167 -0.76 -19.64 3.32
N PRO B 168 -0.25 -20.84 3.63
CA PRO B 168 0.68 -21.45 2.68
C PRO B 168 0.14 -21.47 1.25
N ARG B 169 1.02 -21.27 0.27
CA ARG B 169 0.64 -21.37 -1.14
C ARG B 169 0.28 -22.81 -1.58
N LYS B 170 -0.62 -22.92 -2.56
CA LYS B 170 -0.91 -24.18 -3.26
C LYS B 170 0.35 -24.67 -3.96
N ARG B 171 0.83 -25.87 -3.62
CA ARG B 171 1.91 -26.52 -4.36
C ARG B 171 1.27 -27.21 -5.55
N ARG B 172 1.85 -27.06 -6.73
CA ARG B 172 1.23 -27.62 -7.94
C ARG B 172 0.95 -29.14 -7.86
N GLY B 173 1.62 -29.80 -6.92
CA GLY B 173 1.28 -31.19 -6.60
C GLY B 173 0.49 -31.37 -5.32
N ASP B 174 0.40 -30.32 -4.51
CA ASP B 174 -0.14 -30.46 -3.17
C ASP B 174 -0.89 -29.21 -2.74
N SER B 175 -2.08 -29.39 -2.17
CA SER B 175 -2.87 -28.25 -1.75
C SER B 175 -3.27 -28.31 -0.28
N SER B 176 -2.60 -29.18 0.50
CA SER B 176 -3.00 -29.43 1.89
C SER B 176 -2.74 -28.24 2.79
N ALA B 177 -1.53 -27.69 2.72
CA ALA B 177 -1.10 -26.67 3.65
C ALA B 177 -1.96 -25.41 3.45
N TYR B 178 -2.32 -25.19 2.19
CA TYR B 178 -3.18 -24.09 1.81
C TYR B 178 -4.57 -24.33 2.37
N GLN B 179 -5.10 -25.53 2.14
CA GLN B 179 -6.45 -25.87 2.53
C GLN B 179 -6.59 -25.85 4.04
N LYS B 180 -5.61 -26.43 4.74
CA LYS B 180 -5.64 -26.48 6.19
C LYS B 180 -5.49 -25.07 6.75
N GLY B 181 -4.68 -24.24 6.09
CA GLY B 181 -4.53 -22.86 6.52
C GLY B 181 -5.80 -22.08 6.29
N LEU B 182 -6.51 -22.42 5.21
CA LEU B 182 -7.71 -21.69 4.86
C LEU B 182 -8.87 -22.00 5.80
N ASP B 183 -8.97 -23.27 6.20
CA ASP B 183 -10.00 -23.73 7.15
C ASP B 183 -9.81 -23.19 8.56
N LYS B 184 -8.56 -23.07 9.00
CA LYS B 184 -8.25 -22.46 10.28
C LYS B 184 -8.72 -20.99 10.28
N PHE B 185 -8.57 -20.32 9.14
CA PHE B 185 -8.95 -18.92 9.01
C PHE B 185 -10.47 -18.78 9.02
N TYR B 186 -11.17 -19.56 8.20
CA TYR B 186 -12.62 -19.58 8.21
C TYR B 186 -13.13 -19.79 9.63
N ASP B 187 -12.52 -20.74 10.32
CA ASP B 187 -12.91 -21.02 11.67
C ASP B 187 -12.58 -19.86 12.60
N SER B 188 -11.49 -19.18 12.33
CA SER B 188 -11.08 -18.08 13.18
C SER B 188 -12.03 -16.88 13.12
N VAL B 189 -12.38 -16.39 11.94
CA VAL B 189 -13.25 -15.21 11.90
C VAL B 189 -14.61 -15.55 12.47
N PHE B 190 -15.11 -16.75 12.11
CA PHE B 190 -16.38 -17.28 12.64
C PHE B 190 -16.41 -17.09 14.13
N GLN B 191 -15.39 -17.62 14.80
CA GLN B 191 -15.24 -17.63 16.25
C GLN B 191 -15.26 -16.23 16.79
N SER B 192 -14.60 -15.34 16.04
CA SER B 192 -14.42 -13.97 16.45
C SER B 192 -15.73 -13.20 16.40
N ILE B 193 -16.35 -13.14 15.21
CA ILE B 193 -17.63 -12.46 15.05
C ILE B 193 -18.66 -13.04 16.01
N ASN B 194 -18.62 -14.35 16.16
CA ASN B 194 -19.53 -15.05 17.05
C ASN B 194 -19.36 -14.61 18.50
N SER B 195 -18.19 -14.11 18.86
CA SER B 195 -18.06 -13.53 20.20
C SER B 195 -18.24 -12.00 20.20
N GLU B 196 -17.67 -11.31 19.23
CA GLU B 196 -17.74 -9.85 19.16
C GLU B 196 -19.15 -9.27 18.90
N PHE B 197 -19.92 -9.91 18.02
CA PHE B 197 -21.20 -9.35 17.53
C PHE B 197 -22.41 -9.81 18.34
N ASP B 198 -23.33 -8.89 18.57
CA ASP B 198 -24.61 -9.18 19.22
C ASP B 198 -25.67 -8.94 18.15
N PHE B 199 -26.16 -10.02 17.56
CA PHE B 199 -26.98 -9.91 16.33
C PHE B 199 -28.40 -9.38 16.53
N ASP B 200 -28.84 -9.27 17.77
CA ASP B 200 -30.08 -8.54 18.07
C ASP B 200 -29.89 -7.05 17.80
N LYS B 201 -28.77 -6.49 18.26
CA LYS B 201 -28.50 -5.04 18.18
C LYS B 201 -28.20 -4.50 16.77
N LEU B 202 -27.31 -5.15 16.04
CA LEU B 202 -26.90 -4.69 14.70
C LEU B 202 -28.02 -4.84 13.66
N LYS B 203 -28.14 -3.83 12.79
CA LYS B 203 -29.14 -3.81 11.72
C LYS B 203 -28.60 -4.54 10.50
N VAL B 204 -27.30 -4.40 10.27
CA VAL B 204 -26.64 -5.00 9.13
C VAL B 204 -25.31 -5.54 9.61
N VAL B 205 -24.93 -6.71 9.13
CA VAL B 205 -23.55 -7.11 9.20
C VAL B 205 -23.07 -7.38 7.78
N ILE B 206 -22.06 -6.62 7.38
CA ILE B 206 -21.51 -6.71 6.04
C ILE B 206 -20.35 -7.65 6.02
N LEU B 207 -20.30 -8.49 4.99
CA LEU B 207 -19.10 -9.24 4.69
C LEU B 207 -18.55 -8.79 3.33
N ALA B 208 -17.29 -8.35 3.30
CA ALA B 208 -16.72 -7.83 2.06
C ALA B 208 -15.29 -8.28 1.85
N SER B 209 -15.03 -8.79 0.65
CA SER B 209 -13.70 -9.26 0.27
C SER B 209 -13.44 -9.01 -1.21
N PRO B 210 -12.16 -8.95 -1.64
CA PRO B 210 -11.88 -8.80 -3.07
C PRO B 210 -12.21 -10.02 -3.94
N GLY B 211 -12.20 -11.22 -3.39
CA GLY B 211 -12.34 -12.41 -4.24
C GLY B 211 -13.57 -13.22 -3.93
N PHE B 212 -13.36 -14.45 -3.47
CA PHE B 212 -14.43 -15.35 -3.10
C PHE B 212 -14.60 -15.49 -1.59
N VAL B 213 -13.61 -15.08 -0.80
CA VAL B 213 -13.64 -15.29 0.65
C VAL B 213 -14.95 -14.92 1.31
N ALA B 214 -15.49 -13.74 1.00
CA ALA B 214 -16.70 -13.26 1.69
C ALA B 214 -17.93 -14.11 1.42
N ARG B 215 -18.09 -14.58 0.17
CA ARG B 215 -19.13 -15.58 -0.15
C ARG B 215 -18.86 -16.92 0.50
N GLY B 216 -17.61 -17.33 0.57
CA GLY B 216 -17.25 -18.59 1.22
C GLY B 216 -17.61 -18.57 2.69
N LEU B 217 -17.32 -17.45 3.32
CA LEU B 217 -17.59 -17.24 4.74
C LEU B 217 -19.09 -17.24 5.07
N TYR B 218 -19.86 -16.46 4.32
CA TYR B 218 -21.31 -16.41 4.51
C TYR B 218 -21.91 -17.80 4.57
N ASP B 219 -21.48 -18.66 3.66
CA ASP B 219 -21.93 -20.04 3.63
C ASP B 219 -21.41 -20.76 4.87
N TYR B 220 -20.14 -20.56 5.20
CA TYR B 220 -19.52 -21.29 6.30
C TYR B 220 -20.16 -20.93 7.63
N ILE B 221 -20.28 -19.62 7.89
CA ILE B 221 -20.96 -19.09 9.08
C ILE B 221 -22.29 -19.80 9.35
N PHE B 222 -23.16 -19.85 8.35
CA PHE B 222 -24.51 -20.35 8.57
C PHE B 222 -24.62 -21.87 8.58
N SER B 223 -23.66 -22.54 7.96
CA SER B 223 -23.60 -23.98 8.10
C SER B 223 -23.29 -24.31 9.56
N MET B 224 -22.16 -23.80 10.04
CA MET B 224 -21.70 -24.10 11.39
C MET B 224 -22.72 -23.69 12.41
N ALA B 225 -23.41 -22.57 12.15
CA ALA B 225 -24.39 -22.07 13.10
C ALA B 225 -25.66 -22.90 13.10
N VAL B 226 -25.89 -23.66 12.02
CA VAL B 226 -27.00 -24.61 12.00
C VAL B 226 -26.59 -25.94 12.62
N LYS B 227 -25.36 -26.38 12.35
CA LYS B 227 -24.79 -27.60 12.96
C LYS B 227 -24.86 -27.52 14.49
N LEU B 228 -23.96 -26.75 15.09
CA LEU B 228 -24.10 -26.31 16.48
C LEU B 228 -25.40 -25.51 16.48
N ASP B 229 -26.10 -25.41 17.60
CA ASP B 229 -27.37 -24.71 17.53
C ASP B 229 -27.24 -23.27 18.01
N LEU B 230 -27.06 -22.35 17.06
CA LEU B 230 -26.83 -20.94 17.37
C LEU B 230 -27.96 -20.05 16.88
N LYS B 231 -29.04 -20.01 17.68
CA LYS B 231 -30.27 -19.29 17.34
C LYS B 231 -30.01 -17.83 16.98
N GLN B 232 -28.99 -17.25 17.61
CA GLN B 232 -28.64 -15.86 17.42
C GLN B 232 -28.41 -15.50 15.94
N ILE B 233 -27.45 -16.20 15.33
CA ILE B 233 -27.09 -15.96 13.94
C ILE B 233 -28.21 -16.38 12.97
N VAL B 234 -28.75 -17.59 13.12
CA VAL B 234 -29.80 -18.07 12.20
C VAL B 234 -30.99 -17.11 12.08
N LYS B 235 -31.36 -16.47 13.18
CA LYS B 235 -32.34 -15.39 13.17
C LYS B 235 -31.90 -14.21 12.29
N SER B 236 -30.58 -13.97 12.24
CA SER B 236 -30.02 -12.77 11.62
C SER B 236 -29.67 -12.87 10.14
N LYS B 237 -29.77 -14.07 9.56
CA LYS B 237 -29.48 -14.27 8.13
C LYS B 237 -29.92 -13.13 7.20
N ASN B 238 -31.14 -12.62 7.42
CA ASN B 238 -31.67 -11.50 6.64
C ASN B 238 -30.85 -10.20 6.72
N LYS B 239 -30.08 -10.05 7.79
CA LYS B 239 -29.30 -8.83 8.03
C LYS B 239 -27.92 -8.82 7.37
N PHE B 240 -27.45 -9.99 6.95
CA PHE B 240 -26.12 -10.12 6.34
C PHE B 240 -26.16 -9.69 4.90
N VAL B 241 -25.23 -8.84 4.50
CA VAL B 241 -25.02 -8.56 3.08
C VAL B 241 -23.57 -8.80 2.69
N ILE B 242 -23.36 -9.32 1.48
CA ILE B 242 -22.04 -9.73 1.01
C ILE B 242 -21.63 -8.78 -0.09
N LEU B 243 -20.49 -8.12 0.07
CA LEU B 243 -20.11 -7.09 -0.89
C LEU B 243 -18.76 -7.31 -1.55
N HIS B 244 -18.53 -6.63 -2.65
CA HIS B 244 -17.18 -6.56 -3.19
C HIS B 244 -16.38 -5.51 -2.44
N SER B 245 -15.06 -5.72 -2.38
CA SER B 245 -14.15 -4.79 -1.76
C SER B 245 -12.82 -4.96 -2.44
N SER B 246 -12.04 -3.90 -2.56
CA SER B 246 -10.76 -3.99 -3.28
C SER B 246 -9.69 -4.70 -2.47
N THR B 247 -9.75 -4.54 -1.14
CA THR B 247 -8.74 -5.12 -0.25
C THR B 247 -9.43 -5.54 1.01
N GLY B 248 -8.78 -6.41 1.78
CA GLY B 248 -9.21 -6.70 3.14
C GLY B 248 -8.65 -5.76 4.22
N HIS B 249 -8.15 -4.60 3.81
CA HIS B 249 -7.59 -3.61 4.74
C HIS B 249 -8.67 -2.61 5.19
N ILE B 250 -8.51 -2.06 6.39
CA ILE B 250 -9.59 -1.27 6.99
C ILE B 250 -10.07 -0.03 6.18
N HIS B 251 -9.18 0.71 5.54
CA HIS B 251 -9.59 1.89 4.78
C HIS B 251 -10.60 1.54 3.72
N SER B 252 -10.61 0.27 3.28
CA SER B 252 -11.60 -0.24 2.34
C SER B 252 -13.06 0.01 2.79
N LEU B 253 -13.21 0.39 4.06
CA LEU B 253 -14.49 0.82 4.60
C LEU B 253 -15.07 2.05 3.91
N ASN B 254 -14.26 2.90 3.30
CA ASN B 254 -14.85 4.00 2.55
C ASN B 254 -15.46 3.55 1.22
N GLU B 255 -15.04 2.38 0.72
CA GLU B 255 -15.59 1.79 -0.51
C GLU B 255 -17.03 1.33 -0.33
N ILE B 256 -17.26 0.40 0.59
CA ILE B 256 -18.53 0.35 1.31
C ILE B 256 -18.20 0.99 2.63
N LEU B 257 -19.06 1.80 3.23
CA LEU B 257 -20.48 1.70 3.15
C LEU B 257 -21.13 2.66 2.15
N LYS B 258 -20.46 2.93 1.03
CA LYS B 258 -21.08 3.74 -0.02
C LYS B 258 -21.68 2.91 -1.16
N ASP B 259 -21.55 1.59 -1.05
CA ASP B 259 -22.10 0.64 -2.04
C ASP B 259 -23.62 0.76 -2.20
N PRO B 260 -24.10 0.79 -3.46
CA PRO B 260 -25.54 0.91 -3.75
C PRO B 260 -26.37 -0.14 -3.03
N ALA B 261 -25.89 -1.38 -2.98
CA ALA B 261 -26.56 -2.48 -2.29
C ALA B 261 -26.80 -2.24 -0.80
N VAL B 262 -26.13 -1.25 -0.23
CA VAL B 262 -26.29 -0.97 1.19
C VAL B 262 -26.81 0.45 1.44
N GLU B 263 -27.08 1.19 0.35
CA GLU B 263 -27.57 2.56 0.44
C GLU B 263 -28.89 2.66 1.17
N SER B 264 -29.79 1.75 0.81
CA SER B 264 -31.15 1.70 1.34
C SER B 264 -31.17 1.74 2.87
N LYS B 265 -30.37 0.85 3.48
CA LYS B 265 -30.42 0.64 4.92
C LYS B 265 -29.54 1.62 5.70
N LEU B 266 -28.67 2.34 5.01
CA LEU B 266 -27.61 3.08 5.71
C LEU B 266 -27.48 4.58 5.46
N ALA B 267 -28.02 5.05 4.34
CA ALA B 267 -27.82 6.44 3.89
C ALA B 267 -28.10 7.52 4.94
N ASP B 268 -29.01 7.25 5.87
CA ASP B 268 -29.31 8.19 6.95
C ASP B 268 -28.31 8.14 8.12
N THR B 269 -27.14 7.56 7.92
CA THR B 269 -26.14 7.52 8.99
C THR B 269 -25.00 8.53 8.80
N LYS B 270 -24.34 8.87 9.90
CA LYS B 270 -23.28 9.88 9.92
C LYS B 270 -22.08 9.42 9.12
N TYR B 271 -21.77 8.12 9.26
CA TYR B 271 -20.62 7.55 8.60
C TYR B 271 -20.77 7.54 7.09
N VAL B 272 -21.99 7.34 6.58
CA VAL B 272 -22.20 7.43 5.14
C VAL B 272 -22.17 8.89 4.69
N GLN B 273 -22.72 9.77 5.53
CA GLN B 273 -22.76 11.22 5.28
C GLN B 273 -21.32 11.78 5.12
N GLU B 274 -20.41 11.33 5.97
CA GLU B 274 -18.98 11.64 5.84
C GLU B 274 -18.35 11.08 4.55
N ILE B 275 -18.70 9.85 4.18
CA ILE B 275 -18.18 9.26 2.92
C ILE B 275 -18.69 10.03 1.70
N ARG B 276 -19.97 10.42 1.71
CA ARG B 276 -20.52 11.20 0.61
C ARG B 276 -19.74 12.49 0.41
N VAL B 277 -19.66 13.28 1.48
CA VAL B 277 -19.08 14.61 1.41
C VAL B 277 -17.64 14.51 0.94
N LEU B 278 -16.90 13.57 1.52
CA LEU B 278 -15.51 13.33 1.16
C LEU B 278 -15.41 13.06 -0.35
N ASN B 279 -16.24 12.15 -0.85
CA ASN B 279 -16.33 11.87 -2.29
C ASN B 279 -16.87 13.05 -3.11
N LYS B 280 -17.82 13.80 -2.55
CA LYS B 280 -18.26 15.03 -3.18
C LYS B 280 -17.04 15.93 -3.36
N PHE B 281 -16.24 16.03 -2.28
CA PHE B 281 -14.99 16.78 -2.28
C PHE B 281 -14.06 16.30 -3.37
N TYR B 282 -14.01 14.98 -3.56
CA TYR B 282 -13.15 14.37 -4.58
C TYR B 282 -13.64 14.65 -6.01
N ASP B 283 -14.95 14.60 -6.21
CA ASP B 283 -15.54 14.80 -7.54
C ASP B 283 -15.21 16.19 -8.07
N VAL B 284 -15.13 17.14 -7.15
CA VAL B 284 -14.81 18.52 -7.44
C VAL B 284 -13.32 18.68 -7.68
N MET B 285 -12.48 18.13 -6.79
CA MET B 285 -11.05 18.03 -7.04
C MET B 285 -10.82 17.57 -8.46
N ASN B 286 -11.56 16.54 -8.84
CA ASN B 286 -11.46 15.93 -10.16
C ASN B 286 -11.87 16.86 -11.29
N GLU B 287 -13.01 17.54 -11.14
CA GLU B 287 -13.46 18.55 -12.12
C GLU B 287 -12.51 19.74 -12.25
N ASP B 288 -12.28 20.43 -11.14
CA ASP B 288 -11.45 21.63 -11.13
C ASP B 288 -10.72 21.77 -9.79
N ASP B 289 -9.43 21.47 -9.82
CA ASP B 289 -8.56 21.54 -8.64
C ASP B 289 -8.42 22.94 -8.05
N ARG B 290 -9.11 23.91 -8.66
CA ARG B 290 -9.17 25.26 -8.11
C ARG B 290 -10.44 25.49 -7.31
N LYS B 291 -11.24 24.44 -7.18
CA LYS B 291 -12.50 24.48 -6.47
C LYS B 291 -12.49 23.60 -5.22
N ALA B 292 -11.37 22.91 -4.97
CA ALA B 292 -11.24 22.04 -3.81
C ALA B 292 -9.89 22.24 -3.11
N TRP B 293 -9.96 22.86 -1.93
CA TRP B 293 -8.78 23.18 -1.12
C TRP B 293 -8.69 22.22 0.06
N TYR B 294 -7.49 22.07 0.62
CA TYR B 294 -7.32 21.33 1.87
C TYR B 294 -6.06 21.76 2.61
N GLY B 295 -6.10 21.65 3.94
CA GLY B 295 -5.03 22.18 4.78
C GLY B 295 -5.39 23.49 5.48
N PRO B 296 -4.89 23.68 6.72
CA PRO B 296 -5.23 24.85 7.55
C PRO B 296 -5.02 26.20 6.85
N ASN B 297 -3.78 26.53 6.49
CA ASN B 297 -3.52 27.83 5.85
C ASN B 297 -4.29 28.03 4.53
N HIS B 298 -4.67 26.94 3.88
CA HIS B 298 -5.48 26.98 2.66
C HIS B 298 -6.93 27.31 2.92
N VAL B 299 -7.54 26.67 3.91
CA VAL B 299 -8.96 26.87 4.18
C VAL B 299 -9.20 28.24 4.81
N LEU B 300 -8.29 28.66 5.69
CA LEU B 300 -8.35 30.01 6.26
C LEU B 300 -8.31 31.02 5.14
N LYS B 301 -7.30 30.91 4.27
CA LYS B 301 -7.19 31.77 3.11
C LYS B 301 -8.51 31.80 2.34
N ALA B 302 -9.06 30.63 2.06
CA ALA B 302 -10.35 30.49 1.37
C ALA B 302 -11.46 31.22 2.10
N PHE B 303 -11.38 31.20 3.43
CA PHE B 303 -12.40 31.87 4.23
C PHE B 303 -12.25 33.40 4.23
N GLU B 304 -11.03 33.89 4.02
CA GLU B 304 -10.80 35.32 3.89
C GLU B 304 -11.45 35.85 2.62
N LEU B 305 -11.43 35.01 1.59
CA LEU B 305 -12.15 35.26 0.34
C LEU B 305 -13.60 34.77 0.50
N GLY B 306 -14.39 34.84 -0.56
CA GLY B 306 -15.77 34.35 -0.50
C GLY B 306 -15.89 32.88 -0.88
N ALA B 307 -14.75 32.20 -0.97
CA ALA B 307 -14.64 30.88 -1.58
C ALA B 307 -15.51 29.79 -0.95
N ILE B 308 -15.64 29.82 0.37
CA ILE B 308 -16.27 28.76 1.13
C ILE B 308 -17.79 28.67 0.91
N GLY B 309 -18.30 27.45 0.77
CA GLY B 309 -19.74 27.15 0.56
C GLY B 309 -20.16 25.82 1.20
N GLU B 310 -21.10 25.10 0.60
CA GLU B 310 -21.49 23.70 1.02
C GLU B 310 -20.25 22.80 1.25
N LEU B 311 -19.31 23.32 2.02
CA LEU B 311 -17.93 22.91 1.86
C LEU B 311 -17.10 23.06 3.11
N LEU B 312 -17.64 22.78 4.28
CA LEU B 312 -16.73 22.60 5.38
C LEU B 312 -16.62 21.15 5.74
N ILE B 313 -15.41 20.66 5.56
CA ILE B 313 -15.05 19.29 5.81
C ILE B 313 -13.99 19.47 6.89
N SER B 314 -14.41 19.31 8.14
CA SER B 314 -13.57 19.61 9.32
C SER B 314 -13.56 18.46 10.29
N ASP B 315 -12.52 18.38 11.10
CA ASP B 315 -12.24 17.16 11.82
C ASP B 315 -12.25 17.34 13.33
N SER B 316 -12.97 16.47 14.03
CA SER B 316 -13.01 16.47 15.50
C SER B 316 -11.63 16.62 16.15
N LEU B 317 -10.57 16.21 15.42
CA LEU B 317 -9.18 16.15 15.92
C LEU B 317 -8.59 17.53 16.23
N PHE B 318 -9.31 18.57 15.82
CA PHE B 318 -9.05 19.93 16.31
C PHE B 318 -9.71 20.11 17.69
N ARG B 319 -8.96 19.56 18.65
CA ARG B 319 -9.26 19.45 20.07
C ARG B 319 -7.88 19.59 20.74
N SER B 320 -7.16 20.64 20.36
CA SER B 320 -5.84 20.94 20.89
C SER B 320 -5.94 21.61 22.26
N SER B 321 -4.84 21.59 23.00
CA SER B 321 -4.78 22.19 24.35
C SER B 321 -4.40 23.66 24.32
N ASP B 322 -3.71 24.07 23.25
CA ASP B 322 -3.46 25.48 22.97
C ASP B 322 -4.79 26.16 22.70
N ILE B 323 -5.15 27.08 23.61
CA ILE B 323 -6.41 27.83 23.56
C ILE B 323 -6.46 28.75 22.35
N ALA B 324 -5.36 29.45 22.11
CA ALA B 324 -5.24 30.36 20.98
C ALA B 324 -5.71 29.70 19.70
N THR B 325 -5.29 28.44 19.52
CA THR B 325 -5.49 27.71 18.27
C THR B 325 -6.80 26.87 18.24
N ARG B 326 -7.47 26.74 19.39
CA ARG B 326 -8.82 26.15 19.41
C ARG B 326 -9.83 27.19 18.94
N LYS B 327 -9.66 28.42 19.44
CA LYS B 327 -10.52 29.55 19.15
C LYS B 327 -10.76 29.72 17.66
N LYS B 328 -9.70 29.67 16.86
CA LYS B 328 -9.84 29.88 15.42
C LYS B 328 -10.71 28.87 14.65
N TRP B 329 -10.70 27.59 15.07
CA TRP B 329 -11.55 26.61 14.40
C TRP B 329 -13.02 26.80 14.74
N VAL B 330 -13.30 26.98 16.02
CA VAL B 330 -14.65 27.32 16.50
C VAL B 330 -15.20 28.53 15.72
N SER B 331 -14.37 29.57 15.61
CA SER B 331 -14.71 30.77 14.81
C SER B 331 -15.02 30.44 13.36
N LEU B 332 -14.14 29.66 12.71
CA LEU B 332 -14.31 29.33 11.30
C LEU B 332 -15.62 28.56 11.13
N VAL B 333 -15.86 27.58 11.99
CA VAL B 333 -17.09 26.80 11.91
C VAL B 333 -18.30 27.71 12.17
N GLU B 334 -18.17 28.64 13.09
CA GLU B 334 -19.21 29.62 13.36
C GLU B 334 -19.43 30.50 12.12
N GLY B 335 -18.32 30.94 11.53
CA GLY B 335 -18.33 31.78 10.33
C GLY B 335 -19.08 31.18 9.16
N VAL B 336 -18.85 29.90 8.90
CA VAL B 336 -19.48 29.23 7.77
C VAL B 336 -20.91 28.80 8.15
N LYS B 337 -21.16 28.75 9.46
CA LYS B 337 -22.44 28.33 10.01
C LYS B 337 -23.41 29.51 10.03
N GLU B 338 -22.88 30.72 10.23
CA GLU B 338 -23.69 31.95 10.26
C GLU B 338 -24.08 32.45 8.87
N ILE B 339 -23.30 32.03 7.87
CA ILE B 339 -23.74 32.03 6.48
C ILE B 339 -24.39 30.66 6.27
N ASN B 340 -25.08 30.44 5.16
CA ASN B 340 -25.91 29.23 5.03
C ASN B 340 -25.23 27.98 4.49
N CYS B 341 -23.94 27.82 4.78
CA CYS B 341 -23.14 26.72 4.22
C CYS B 341 -22.91 25.58 5.23
N PRO B 342 -23.10 24.32 4.78
CA PRO B 342 -22.88 23.14 5.61
C PRO B 342 -21.47 23.01 6.15
N VAL B 343 -21.39 22.45 7.36
CA VAL B 343 -20.15 22.12 8.03
C VAL B 343 -20.25 20.66 8.44
N TYR B 344 -19.19 19.91 8.21
CA TYR B 344 -19.16 18.51 8.57
C TYR B 344 -17.97 18.26 9.46
N ILE B 345 -18.26 18.00 10.73
CA ILE B 345 -17.24 17.61 11.66
C ILE B 345 -17.17 16.10 11.65
N PHE B 346 -16.20 15.60 10.87
CA PHE B 346 -15.89 14.18 10.77
C PHE B 346 -15.34 13.69 12.10
N SER B 347 -15.74 12.48 12.50
CA SER B 347 -15.16 11.82 13.65
C SER B 347 -13.83 11.18 13.28
N SER B 348 -12.79 11.44 14.06
CA SER B 348 -11.47 10.91 13.75
C SER B 348 -11.38 9.39 13.87
N LEU B 349 -12.41 8.77 14.45
CA LEU B 349 -12.45 7.31 14.52
C LEU B 349 -12.83 6.59 13.22
N HIS B 350 -13.75 7.13 12.42
CA HIS B 350 -14.11 6.49 11.16
C HIS B 350 -12.90 6.46 10.20
N GLU B 351 -12.93 5.62 9.17
CA GLU B 351 -11.88 5.65 8.16
C GLU B 351 -11.95 6.95 7.39
N SER B 352 -13.18 7.43 7.18
CA SER B 352 -13.39 8.68 6.49
C SER B 352 -12.64 9.78 7.22
N GLY B 353 -12.85 9.82 8.54
CA GLY B 353 -12.20 10.81 9.40
C GLY B 353 -10.70 10.68 9.42
N LYS B 354 -10.20 9.45 9.49
CA LYS B 354 -8.76 9.17 9.41
C LYS B 354 -8.19 9.74 8.11
N GLN B 355 -8.87 9.46 7.01
CA GLN B 355 -8.52 10.00 5.71
C GLN B 355 -8.51 11.54 5.73
N LEU B 356 -9.51 12.14 6.35
CA LEU B 356 -9.52 13.60 6.49
C LEU B 356 -8.35 14.09 7.32
N ASP B 357 -7.90 13.30 8.30
CA ASP B 357 -6.74 13.73 9.08
C ASP B 357 -5.44 13.73 8.29
N LEU B 358 -5.22 12.65 7.54
CA LEU B 358 -4.08 12.51 6.63
C LEU B 358 -3.95 13.71 5.70
N LEU B 359 -5.06 14.10 5.07
CA LEU B 359 -5.17 15.40 4.44
C LEU B 359 -5.44 16.28 5.62
N SER B 360 -4.50 17.10 6.02
CA SER B 360 -4.63 17.88 7.25
C SER B 360 -6.10 18.17 7.56
N GLY B 361 -6.56 17.78 8.75
CA GLY B 361 -8.01 17.74 9.09
C GLY B 361 -9.01 18.84 8.74
N ILE B 362 -8.69 19.71 7.78
CA ILE B 362 -9.70 20.54 7.12
C ILE B 362 -9.58 20.45 5.61
N ALA B 363 -10.73 20.41 4.96
CA ALA B 363 -10.82 20.65 3.54
C ALA B 363 -12.09 21.43 3.25
N ALA B 364 -12.17 21.94 2.03
CA ALA B 364 -13.33 22.71 1.60
C ALA B 364 -13.47 22.65 0.09
N ILE B 365 -14.70 22.47 -0.36
CA ILE B 365 -15.04 22.68 -1.75
C ILE B 365 -15.12 24.22 -1.92
N LEU B 366 -15.19 24.74 -3.13
CA LEU B 366 -15.35 26.18 -3.28
C LEU B 366 -16.51 26.48 -4.22
N THR B 367 -16.99 27.73 -4.19
CA THR B 367 -18.09 28.15 -5.06
C THR B 367 -17.60 28.68 -6.41
N TYR B 368 -16.36 29.17 -6.43
CA TYR B 368 -15.73 29.66 -7.65
C TYR B 368 -14.28 29.19 -7.73
N PRO B 369 -13.71 29.08 -8.95
CA PRO B 369 -12.32 28.64 -9.08
C PRO B 369 -11.35 29.73 -8.66
N VAL B 370 -10.44 29.38 -7.75
CA VAL B 370 -9.53 30.34 -7.15
C VAL B 370 -8.10 29.91 -7.44
N ASP B 371 -7.28 30.84 -7.96
CA ASP B 371 -5.85 30.56 -8.14
C ASP B 371 -5.02 31.18 -6.99
N GLU B 372 -4.07 30.40 -6.43
CA GLU B 372 -3.19 30.82 -5.31
C GLU B 372 -1.93 29.95 -5.11
N GLU B 373 -1.19 30.17 -4.01
CA GLU B 373 0.06 29.42 -3.72
C GLU B 373 0.55 29.49 -2.25
N ASP B 374 -0.17 28.82 -1.34
CA ASP B 374 0.10 28.92 0.12
C ASP B 374 0.95 27.78 0.67
N ILE B 375 1.83 28.12 1.61
CA ILE B 375 2.54 27.13 2.41
C ILE B 375 1.56 26.53 3.41
N SER B 376 1.78 25.27 3.80
CA SER B 376 1.04 24.67 4.93
C SER B 376 2.02 24.27 6.04
N GLU B 377 1.75 24.75 7.25
CA GLU B 377 2.73 24.72 8.35
C GLU B 377 2.75 23.38 9.09
N ASP B 378 3.42 22.39 8.48
CA ASP B 378 3.57 21.07 9.06
C ASP B 378 4.91 20.41 8.67
N GLU B 379 4.99 19.09 8.80
CA GLU B 379 6.18 18.32 8.42
C GLU B 379 5.94 17.57 7.11
#